data_1A32
# 
_entry.id   1A32 
# 
_audit_conform.dict_name       mmcif_pdbx.dic 
_audit_conform.dict_version    5.385 
_audit_conform.dict_location   http://mmcif.pdb.org/dictionaries/ascii/mmcif_pdbx.dic 
# 
loop_
_database_2.database_id 
_database_2.database_code 
_database_2.pdbx_database_accession 
_database_2.pdbx_DOI 
PDB   1A32         pdb_00001a32 10.2210/pdb1a32/pdb 
WWPDB D_1000170330 ?            ?                   
# 
loop_
_pdbx_audit_revision_history.ordinal 
_pdbx_audit_revision_history.data_content_type 
_pdbx_audit_revision_history.major_revision 
_pdbx_audit_revision_history.minor_revision 
_pdbx_audit_revision_history.revision_date 
1 'Structure model' 1 0 1998-05-27 
2 'Structure model' 1 1 2008-03-24 
3 'Structure model' 1 2 2011-07-13 
4 'Structure model' 1 3 2024-02-07 
# 
_pdbx_audit_revision_details.ordinal             1 
_pdbx_audit_revision_details.revision_ordinal    1 
_pdbx_audit_revision_details.data_content_type   'Structure model' 
_pdbx_audit_revision_details.provider            repository 
_pdbx_audit_revision_details.type                'Initial release' 
_pdbx_audit_revision_details.description         ? 
_pdbx_audit_revision_details.details             ? 
# 
loop_
_pdbx_audit_revision_group.ordinal 
_pdbx_audit_revision_group.revision_ordinal 
_pdbx_audit_revision_group.data_content_type 
_pdbx_audit_revision_group.group 
1 2 'Structure model' 'Version format compliance' 
2 3 'Structure model' 'Version format compliance' 
3 4 'Structure model' 'Data collection'           
4 4 'Structure model' 'Database references'       
# 
loop_
_pdbx_audit_revision_category.ordinal 
_pdbx_audit_revision_category.revision_ordinal 
_pdbx_audit_revision_category.data_content_type 
_pdbx_audit_revision_category.category 
1 4 'Structure model' chem_comp_atom 
2 4 'Structure model' chem_comp_bond 
3 4 'Structure model' database_2     
# 
loop_
_pdbx_audit_revision_item.ordinal 
_pdbx_audit_revision_item.revision_ordinal 
_pdbx_audit_revision_item.data_content_type 
_pdbx_audit_revision_item.item 
1 4 'Structure model' '_database_2.pdbx_DOI'                
2 4 'Structure model' '_database_2.pdbx_database_accession' 
# 
_pdbx_database_status.status_code                     REL 
_pdbx_database_status.entry_id                        1A32 
_pdbx_database_status.recvd_initial_deposition_date   1998-01-27 
_pdbx_database_status.deposit_site                    ? 
_pdbx_database_status.process_site                    BNL 
_pdbx_database_status.status_code_sf                  REL 
_pdbx_database_status.status_code_mr                  ? 
_pdbx_database_status.SG_entry                        ? 
_pdbx_database_status.pdb_format_compatible           Y 
_pdbx_database_status.status_code_cs                  ? 
_pdbx_database_status.status_code_nmr_data            ? 
_pdbx_database_status.methods_development_category    ? 
# 
loop_
_audit_author.name 
_audit_author.pdbx_ordinal 
'Clemons Junior, W.M.' 1 
'Davies, C.'           2 
'White, S.W.'          3 
'Ramakrishnan, V.'     4 
# 
_citation.id                        primary 
_citation.title                     'Conformational variability of the N-terminal helix in the structure of ribosomal protein S15.' 
_citation.journal_abbrev            Structure 
_citation.journal_volume            6 
_citation.page_first                429 
_citation.page_last                 438 
_citation.year                      1998 
_citation.journal_id_ASTM           STRUE6 
_citation.country                   UK 
_citation.journal_id_ISSN           0969-2126 
_citation.journal_id_CSD            2005 
_citation.book_publisher            ? 
_citation.pdbx_database_id_PubMed   9562554 
_citation.pdbx_database_id_DOI      '10.1016/S0969-2126(98)00045-8' 
# 
loop_
_citation_author.citation_id 
_citation_author.name 
_citation_author.ordinal 
_citation_author.identifier_ORCID 
primary 'Clemons Jr., W.M.' 1 ? 
primary 'Davies, C.'        2 ? 
primary 'White, S.W.'       3 ? 
primary 'Ramakrishnan, V.'  4 ? 
# 
loop_
_entity.id 
_entity.type 
_entity.src_method 
_entity.pdbx_description 
_entity.formula_weight 
_entity.pdbx_number_of_molecules 
_entity.pdbx_ec 
_entity.pdbx_mutation 
_entity.pdbx_fragment 
_entity.details 
1 polymer man 'RIBOSOMAL PROTEIN S15' 10586.309 1  ? ? ? ? 
2 water   nat water                   18.015    59 ? ? ? ? 
# 
_entity_poly.entity_id                      1 
_entity_poly.type                           'polypeptide(L)' 
_entity_poly.nstd_linkage                   no 
_entity_poly.nstd_monomer                   no 
_entity_poly.pdbx_seq_one_letter_code       
;ALTQERKREIIEQFKVHENDTGSPEVQIAILTEQINNLNEHLRVHKKDHHSRRGLLKMVGKRRRLLAYLRNKDVARYREI
VEKLGLRR
;
_entity_poly.pdbx_seq_one_letter_code_can   
;ALTQERKREIIEQFKVHENDTGSPEVQIAILTEQINNLNEHLRVHKKDHHSRRGLLKMVGKRRRLLAYLRNKDVARYREI
VEKLGLRR
;
_entity_poly.pdbx_strand_id                 A 
_entity_poly.pdbx_target_identifier         ? 
# 
_pdbx_entity_nonpoly.entity_id   2 
_pdbx_entity_nonpoly.name        water 
_pdbx_entity_nonpoly.comp_id     HOH 
# 
loop_
_entity_poly_seq.entity_id 
_entity_poly_seq.num 
_entity_poly_seq.mon_id 
_entity_poly_seq.hetero 
1 1  ALA n 
1 2  LEU n 
1 3  THR n 
1 4  GLN n 
1 5  GLU n 
1 6  ARG n 
1 7  LYS n 
1 8  ARG n 
1 9  GLU n 
1 10 ILE n 
1 11 ILE n 
1 12 GLU n 
1 13 GLN n 
1 14 PHE n 
1 15 LYS n 
1 16 VAL n 
1 17 HIS n 
1 18 GLU n 
1 19 ASN n 
1 20 ASP n 
1 21 THR n 
1 22 GLY n 
1 23 SER n 
1 24 PRO n 
1 25 GLU n 
1 26 VAL n 
1 27 GLN n 
1 28 ILE n 
1 29 ALA n 
1 30 ILE n 
1 31 LEU n 
1 32 THR n 
1 33 GLU n 
1 34 GLN n 
1 35 ILE n 
1 36 ASN n 
1 37 ASN n 
1 38 LEU n 
1 39 ASN n 
1 40 GLU n 
1 41 HIS n 
1 42 LEU n 
1 43 ARG n 
1 44 VAL n 
1 45 HIS n 
1 46 LYS n 
1 47 LYS n 
1 48 ASP n 
1 49 HIS n 
1 50 HIS n 
1 51 SER n 
1 52 ARG n 
1 53 ARG n 
1 54 GLY n 
1 55 LEU n 
1 56 LEU n 
1 57 LYS n 
1 58 MET n 
1 59 VAL n 
1 60 GLY n 
1 61 LYS n 
1 62 ARG n 
1 63 ARG n 
1 64 ARG n 
1 65 LEU n 
1 66 LEU n 
1 67 ALA n 
1 68 TYR n 
1 69 LEU n 
1 70 ARG n 
1 71 ASN n 
1 72 LYS n 
1 73 ASP n 
1 74 VAL n 
1 75 ALA n 
1 76 ARG n 
1 77 TYR n 
1 78 ARG n 
1 79 GLU n 
1 80 ILE n 
1 81 VAL n 
1 82 GLU n 
1 83 LYS n 
1 84 LEU n 
1 85 GLY n 
1 86 LEU n 
1 87 ARG n 
1 88 ARG n 
# 
_entity_src_gen.entity_id                          1 
_entity_src_gen.pdbx_src_id                        1 
_entity_src_gen.pdbx_alt_source_flag               sample 
_entity_src_gen.pdbx_seq_type                      ? 
_entity_src_gen.pdbx_beg_seq_num                   ? 
_entity_src_gen.pdbx_end_seq_num                   ? 
_entity_src_gen.gene_src_common_name               ? 
_entity_src_gen.gene_src_genus                     Geobacillus 
_entity_src_gen.pdbx_gene_src_gene                 ? 
_entity_src_gen.gene_src_species                   ? 
_entity_src_gen.gene_src_strain                    ? 
_entity_src_gen.gene_src_tissue                    ? 
_entity_src_gen.gene_src_tissue_fraction           ? 
_entity_src_gen.gene_src_details                   ? 
_entity_src_gen.pdbx_gene_src_fragment             ? 
_entity_src_gen.pdbx_gene_src_scientific_name      'Geobacillus stearothermophilus' 
_entity_src_gen.pdbx_gene_src_ncbi_taxonomy_id     1422 
_entity_src_gen.pdbx_gene_src_variant              ? 
_entity_src_gen.pdbx_gene_src_cell_line            BL21 
_entity_src_gen.pdbx_gene_src_atcc                 ? 
_entity_src_gen.pdbx_gene_src_organ                ? 
_entity_src_gen.pdbx_gene_src_organelle            ? 
_entity_src_gen.pdbx_gene_src_cell                 ? 
_entity_src_gen.pdbx_gene_src_cellular_location    RIBOSOME 
_entity_src_gen.host_org_common_name               ? 
_entity_src_gen.pdbx_host_org_scientific_name      'Escherichia coli BL21(DE3)' 
_entity_src_gen.pdbx_host_org_ncbi_taxonomy_id     469008 
_entity_src_gen.host_org_genus                     Escherichia 
_entity_src_gen.pdbx_host_org_gene                 ? 
_entity_src_gen.pdbx_host_org_organ                ? 
_entity_src_gen.host_org_species                   'Escherichia coli' 
_entity_src_gen.pdbx_host_org_tissue               ? 
_entity_src_gen.pdbx_host_org_tissue_fraction      ? 
_entity_src_gen.pdbx_host_org_strain               'BL21 (DE3)' 
_entity_src_gen.pdbx_host_org_variant              ? 
_entity_src_gen.pdbx_host_org_cell_line            ? 
_entity_src_gen.pdbx_host_org_atcc                 ? 
_entity_src_gen.pdbx_host_org_culture_collection   ? 
_entity_src_gen.pdbx_host_org_cell                 ? 
_entity_src_gen.pdbx_host_org_organelle            ? 
_entity_src_gen.pdbx_host_org_cellular_location    ? 
_entity_src_gen.pdbx_host_org_vector_type          ? 
_entity_src_gen.pdbx_host_org_vector               ? 
_entity_src_gen.host_org_details                   ? 
_entity_src_gen.expression_system_id               ? 
_entity_src_gen.plasmid_name                       PET-13A 
_entity_src_gen.plasmid_details                    ? 
_entity_src_gen.pdbx_description                   ? 
# 
loop_
_chem_comp.id 
_chem_comp.type 
_chem_comp.mon_nstd_flag 
_chem_comp.name 
_chem_comp.pdbx_synonyms 
_chem_comp.formula 
_chem_comp.formula_weight 
ALA 'L-peptide linking' y ALANINE         ? 'C3 H7 N O2'     89.093  
ARG 'L-peptide linking' y ARGININE        ? 'C6 H15 N4 O2 1' 175.209 
ASN 'L-peptide linking' y ASPARAGINE      ? 'C4 H8 N2 O3'    132.118 
ASP 'L-peptide linking' y 'ASPARTIC ACID' ? 'C4 H7 N O4'     133.103 
GLN 'L-peptide linking' y GLUTAMINE       ? 'C5 H10 N2 O3'   146.144 
GLU 'L-peptide linking' y 'GLUTAMIC ACID' ? 'C5 H9 N O4'     147.129 
GLY 'peptide linking'   y GLYCINE         ? 'C2 H5 N O2'     75.067  
HIS 'L-peptide linking' y HISTIDINE       ? 'C6 H10 N3 O2 1' 156.162 
HOH non-polymer         . WATER           ? 'H2 O'           18.015  
ILE 'L-peptide linking' y ISOLEUCINE      ? 'C6 H13 N O2'    131.173 
LEU 'L-peptide linking' y LEUCINE         ? 'C6 H13 N O2'    131.173 
LYS 'L-peptide linking' y LYSINE          ? 'C6 H15 N2 O2 1' 147.195 
MET 'L-peptide linking' y METHIONINE      ? 'C5 H11 N O2 S'  149.211 
PHE 'L-peptide linking' y PHENYLALANINE   ? 'C9 H11 N O2'    165.189 
PRO 'L-peptide linking' y PROLINE         ? 'C5 H9 N O2'     115.130 
SER 'L-peptide linking' y SERINE          ? 'C3 H7 N O3'     105.093 
THR 'L-peptide linking' y THREONINE       ? 'C4 H9 N O3'     119.119 
TYR 'L-peptide linking' y TYROSINE        ? 'C9 H11 N O3'    181.189 
VAL 'L-peptide linking' y VALINE          ? 'C5 H11 N O2'    117.146 
# 
loop_
_pdbx_poly_seq_scheme.asym_id 
_pdbx_poly_seq_scheme.entity_id 
_pdbx_poly_seq_scheme.seq_id 
_pdbx_poly_seq_scheme.mon_id 
_pdbx_poly_seq_scheme.ndb_seq_num 
_pdbx_poly_seq_scheme.pdb_seq_num 
_pdbx_poly_seq_scheme.auth_seq_num 
_pdbx_poly_seq_scheme.pdb_mon_id 
_pdbx_poly_seq_scheme.auth_mon_id 
_pdbx_poly_seq_scheme.pdb_strand_id 
_pdbx_poly_seq_scheme.pdb_ins_code 
_pdbx_poly_seq_scheme.hetero 
A 1 1  ALA 1  1  ?  ?   ?   A . n 
A 1 2  LEU 2  2  2  LEU LEU A . n 
A 1 3  THR 3  3  3  THR THR A . n 
A 1 4  GLN 4  4  4  GLN GLN A . n 
A 1 5  GLU 5  5  5  GLU GLU A . n 
A 1 6  ARG 6  6  6  ARG ARG A . n 
A 1 7  LYS 7  7  7  LYS LYS A . n 
A 1 8  ARG 8  8  8  ARG ARG A . n 
A 1 9  GLU 9  9  9  GLU GLU A . n 
A 1 10 ILE 10 10 10 ILE ILE A . n 
A 1 11 ILE 11 11 11 ILE ILE A . n 
A 1 12 GLU 12 12 12 GLU GLU A . n 
A 1 13 GLN 13 13 13 GLN GLN A . n 
A 1 14 PHE 14 14 14 PHE PHE A . n 
A 1 15 LYS 15 15 15 LYS LYS A . n 
A 1 16 VAL 16 16 16 VAL VAL A . n 
A 1 17 HIS 17 17 17 HIS HIS A . n 
A 1 18 GLU 18 18 18 GLU GLU A . n 
A 1 19 ASN 19 19 19 ASN ASN A . n 
A 1 20 ASP 20 20 20 ASP ASP A . n 
A 1 21 THR 21 21 21 THR THR A . n 
A 1 22 GLY 22 22 22 GLY GLY A . n 
A 1 23 SER 23 23 23 SER SER A . n 
A 1 24 PRO 24 24 24 PRO PRO A . n 
A 1 25 GLU 25 25 25 GLU GLU A . n 
A 1 26 VAL 26 26 26 VAL VAL A . n 
A 1 27 GLN 27 27 27 GLN GLN A . n 
A 1 28 ILE 28 28 28 ILE ILE A . n 
A 1 29 ALA 29 29 29 ALA ALA A . n 
A 1 30 ILE 30 30 30 ILE ILE A . n 
A 1 31 LEU 31 31 31 LEU LEU A . n 
A 1 32 THR 32 32 32 THR THR A . n 
A 1 33 GLU 33 33 33 GLU GLU A . n 
A 1 34 GLN 34 34 34 GLN GLN A . n 
A 1 35 ILE 35 35 35 ILE ILE A . n 
A 1 36 ASN 36 36 36 ASN ASN A . n 
A 1 37 ASN 37 37 37 ASN ASN A . n 
A 1 38 LEU 38 38 38 LEU LEU A . n 
A 1 39 ASN 39 39 39 ASN ASN A . n 
A 1 40 GLU 40 40 40 GLU GLU A . n 
A 1 41 HIS 41 41 41 HIS HIS A . n 
A 1 42 LEU 42 42 42 LEU LEU A . n 
A 1 43 ARG 43 43 43 ARG ARG A . n 
A 1 44 VAL 44 44 44 VAL VAL A . n 
A 1 45 HIS 45 45 45 HIS HIS A . n 
A 1 46 LYS 46 46 46 LYS LYS A . n 
A 1 47 LYS 47 47 47 LYS LYS A . n 
A 1 48 ASP 48 48 48 ASP ASP A . n 
A 1 49 HIS 49 49 49 HIS HIS A . n 
A 1 50 HIS 50 50 50 HIS HIS A . n 
A 1 51 SER 51 51 51 SER SER A . n 
A 1 52 ARG 52 52 52 ARG ARG A . n 
A 1 53 ARG 53 53 53 ARG ARG A . n 
A 1 54 GLY 54 54 54 GLY GLY A . n 
A 1 55 LEU 55 55 55 LEU LEU A . n 
A 1 56 LEU 56 56 56 LEU LEU A . n 
A 1 57 LYS 57 57 57 LYS LYS A . n 
A 1 58 MET 58 58 58 MET MET A . n 
A 1 59 VAL 59 59 59 VAL VAL A . n 
A 1 60 GLY 60 60 60 GLY GLY A . n 
A 1 61 LYS 61 61 61 LYS LYS A . n 
A 1 62 ARG 62 62 62 ARG ARG A . n 
A 1 63 ARG 63 63 63 ARG ARG A . n 
A 1 64 ARG 64 64 64 ARG ARG A . n 
A 1 65 LEU 65 65 65 LEU LEU A . n 
A 1 66 LEU 66 66 66 LEU LEU A . n 
A 1 67 ALA 67 67 67 ALA ALA A . n 
A 1 68 TYR 68 68 68 TYR TYR A . n 
A 1 69 LEU 69 69 69 LEU LEU A . n 
A 1 70 ARG 70 70 70 ARG ARG A . n 
A 1 71 ASN 71 71 71 ASN ASN A . n 
A 1 72 LYS 72 72 72 LYS LYS A . n 
A 1 73 ASP 73 73 73 ASP ASP A . n 
A 1 74 VAL 74 74 74 VAL VAL A . n 
A 1 75 ALA 75 75 75 ALA ALA A . n 
A 1 76 ARG 76 76 76 ARG ARG A . n 
A 1 77 TYR 77 77 77 TYR TYR A . n 
A 1 78 ARG 78 78 78 ARG ARG A . n 
A 1 79 GLU 79 79 79 GLU GLU A . n 
A 1 80 ILE 80 80 80 ILE ILE A . n 
A 1 81 VAL 81 81 81 VAL VAL A . n 
A 1 82 GLU 82 82 82 GLU GLU A . n 
A 1 83 LYS 83 83 83 LYS LYS A . n 
A 1 84 LEU 84 84 84 LEU LEU A . n 
A 1 85 GLY 85 85 85 GLY GLY A . n 
A 1 86 LEU 86 86 86 LEU LEU A . n 
A 1 87 ARG 87 87 ?  ?   ?   A . n 
A 1 88 ARG 88 88 ?  ?   ?   A . n 
# 
loop_
_pdbx_nonpoly_scheme.asym_id 
_pdbx_nonpoly_scheme.entity_id 
_pdbx_nonpoly_scheme.mon_id 
_pdbx_nonpoly_scheme.ndb_seq_num 
_pdbx_nonpoly_scheme.pdb_seq_num 
_pdbx_nonpoly_scheme.auth_seq_num 
_pdbx_nonpoly_scheme.pdb_mon_id 
_pdbx_nonpoly_scheme.auth_mon_id 
_pdbx_nonpoly_scheme.pdb_strand_id 
_pdbx_nonpoly_scheme.pdb_ins_code 
B 2 HOH 1  89  1  HOH HOH A . 
B 2 HOH 2  90  2  HOH HOH A . 
B 2 HOH 3  91  4  HOH HOH A . 
B 2 HOH 4  92  6  HOH HOH A . 
B 2 HOH 5  93  7  HOH HOH A . 
B 2 HOH 6  94  8  HOH HOH A . 
B 2 HOH 7  95  9  HOH HOH A . 
B 2 HOH 8  96  10 HOH HOH A . 
B 2 HOH 9  97  11 HOH HOH A . 
B 2 HOH 10 98  13 HOH HOH A . 
B 2 HOH 11 99  14 HOH HOH A . 
B 2 HOH 12 100 15 HOH HOH A . 
B 2 HOH 13 101 16 HOH HOH A . 
B 2 HOH 14 102 18 HOH HOH A . 
B 2 HOH 15 103 19 HOH HOH A . 
B 2 HOH 16 104 21 HOH HOH A . 
B 2 HOH 17 105 22 HOH HOH A . 
B 2 HOH 18 106 23 HOH HOH A . 
B 2 HOH 19 107 24 HOH HOH A . 
B 2 HOH 20 108 25 HOH HOH A . 
B 2 HOH 21 109 26 HOH HOH A . 
B 2 HOH 22 110 31 HOH HOH A . 
B 2 HOH 23 111 32 HOH HOH A . 
B 2 HOH 24 112 34 HOH HOH A . 
B 2 HOH 25 113 36 HOH HOH A . 
B 2 HOH 26 114 37 HOH HOH A . 
B 2 HOH 27 115 38 HOH HOH A . 
B 2 HOH 28 116 39 HOH HOH A . 
B 2 HOH 29 117 41 HOH HOH A . 
B 2 HOH 30 118 43 HOH HOH A . 
B 2 HOH 31 119 44 HOH HOH A . 
B 2 HOH 32 120 46 HOH HOH A . 
B 2 HOH 33 121 49 HOH HOH A . 
B 2 HOH 34 122 50 HOH HOH A . 
B 2 HOH 35 123 52 HOH HOH A . 
B 2 HOH 36 124 53 HOH HOH A . 
B 2 HOH 37 125 55 HOH HOH A . 
B 2 HOH 38 126 56 HOH HOH A . 
B 2 HOH 39 127 57 HOH HOH A . 
B 2 HOH 40 128 58 HOH HOH A . 
B 2 HOH 41 129 59 HOH HOH A . 
B 2 HOH 42 130 60 HOH HOH A . 
B 2 HOH 43 131 61 HOH HOH A . 
B 2 HOH 44 132 62 HOH HOH A . 
B 2 HOH 45 133 63 HOH HOH A . 
B 2 HOH 46 134 64 HOH HOH A . 
B 2 HOH 47 135 65 HOH HOH A . 
B 2 HOH 48 136 66 HOH HOH A . 
B 2 HOH 49 137 68 HOH HOH A . 
B 2 HOH 50 138 69 HOH HOH A . 
B 2 HOH 51 139 70 HOH HOH A . 
B 2 HOH 52 140 71 HOH HOH A . 
B 2 HOH 53 141 72 HOH HOH A . 
B 2 HOH 54 142 73 HOH HOH A . 
B 2 HOH 55 143 74 HOH HOH A . 
B 2 HOH 56 144 76 HOH HOH A . 
B 2 HOH 57 145 77 HOH HOH A . 
B 2 HOH 58 146 78 HOH HOH A . 
B 2 HOH 59 147 79 HOH HOH A . 
# 
loop_
_software.name 
_software.classification 
_software.version 
_software.citation_id 
_software.pdbx_ordinal 
SHARP     phasing          .   ? 1 
X-PLOR    'model building' 3.8 ? 2 
X-PLOR    refinement       3.8 ? 3 
DENZO     'data reduction' .   ? 4 
SCALEPACK 'data scaling'   .   ? 5 
X-PLOR    phasing          3.8 ? 6 
# 
_cell.entry_id           1A32 
_cell.length_a           33.020 
_cell.length_b           33.750 
_cell.length_c           75.670 
_cell.angle_alpha        90.00 
_cell.angle_beta         90.00 
_cell.angle_gamma        90.00 
_cell.Z_PDB              4 
_cell.pdbx_unique_axis   ? 
# 
_symmetry.entry_id                         1A32 
_symmetry.space_group_name_H-M             'P 21 21 21' 
_symmetry.pdbx_full_space_group_name_H-M   ? 
_symmetry.cell_setting                     ? 
_symmetry.Int_Tables_number                19 
# 
_exptl.entry_id          1A32 
_exptl.method            'X-RAY DIFFRACTION' 
_exptl.crystals_number   1 
# 
_exptl_crystal.id                    1 
_exptl_crystal.density_meas          ? 
_exptl_crystal.density_Matthews      1.99 
_exptl_crystal.density_percent_sol   38. 
_exptl_crystal.description           ? 
# 
_exptl_crystal_grow.crystal_id      1 
_exptl_crystal_grow.method          ? 
_exptl_crystal_grow.temp            ? 
_exptl_crystal_grow.temp_details    ? 
_exptl_crystal_grow.pH              6.5 
_exptl_crystal_grow.pdbx_pH_range   ? 
_exptl_crystal_grow.pdbx_details    '3.0M NA/K PHOSPHATE PH 6.5' 
# 
_diffrn.id                     1 
_diffrn.ambient_temp           100 
_diffrn.ambient_temp_details   ? 
_diffrn.crystal_id             1 
# 
_diffrn_detector.diffrn_id              1 
_diffrn_detector.detector               'IMAGE PLATE' 
_diffrn_detector.type                   'RIGAKU RAXIS IV' 
_diffrn_detector.pdbx_collection_date   1997-05 
_diffrn_detector.details                MIRRORS 
# 
_diffrn_radiation.diffrn_id                        1 
_diffrn_radiation.wavelength_id                    1 
_diffrn_radiation.pdbx_monochromatic_or_laue_m_l   M 
_diffrn_radiation.monochromator                    'NI FILTER' 
_diffrn_radiation.pdbx_diffrn_protocol             ? 
_diffrn_radiation.pdbx_scattering_type             x-ray 
# 
_diffrn_radiation_wavelength.id           1 
_diffrn_radiation_wavelength.wavelength   1.5418 
_diffrn_radiation_wavelength.wt           1.0 
# 
_diffrn_source.diffrn_id                   1 
_diffrn_source.source                      SYNCHROTRON 
_diffrn_source.type                        'NSLS BEAMLINE X12C' 
_diffrn_source.pdbx_synchrotron_site       NSLS 
_diffrn_source.pdbx_synchrotron_beamline   X12C 
_diffrn_source.pdbx_wavelength             1.5418 
_diffrn_source.pdbx_wavelength_list        ? 
# 
_reflns.entry_id                     1A32 
_reflns.observed_criterion_sigma_I   0. 
_reflns.observed_criterion_sigma_F   ? 
_reflns.d_resolution_low             100. 
_reflns.d_resolution_high            2.1 
_reflns.number_obs                   139136 
_reflns.number_all                   ? 
_reflns.percent_possible_obs         99.5 
_reflns.pdbx_Rmerge_I_obs            0.0750000 
_reflns.pdbx_Rsym_value              0.0750000 
_reflns.pdbx_netI_over_sigmaI        12. 
_reflns.B_iso_Wilson_estimate        ? 
_reflns.pdbx_redundancy              4.5 
_reflns.pdbx_diffrn_id               1 
_reflns.pdbx_ordinal                 1 
# 
_reflns_shell.d_res_high             2.05 
_reflns_shell.d_res_low              2.13 
_reflns_shell.percent_possible_all   99.2 
_reflns_shell.Rmerge_I_obs           0.3740000 
_reflns_shell.pdbx_Rsym_value        0.3790000 
_reflns_shell.meanI_over_sigI_obs    3. 
_reflns_shell.pdbx_redundancy        5. 
_reflns_shell.pdbx_diffrn_id         ? 
_reflns_shell.pdbx_ordinal           1 
# 
_refine.entry_id                                 1A32 
_refine.ls_number_reflns_obs                     3808 
_refine.ls_number_reflns_all                     ? 
_refine.pdbx_ls_sigma_I                          ? 
_refine.pdbx_ls_sigma_F                          0. 
_refine.pdbx_data_cutoff_high_absF               ? 
_refine.pdbx_data_cutoff_low_absF                ? 
_refine.pdbx_data_cutoff_high_rms_absF           ? 
_refine.ls_d_res_low                             6.00 
_refine.ls_d_res_high                            2.10 
_refine.ls_percent_reflns_obs                    99.64 
_refine.ls_R_factor_obs                          0.2120000 
_refine.ls_R_factor_all                          ? 
_refine.ls_R_factor_R_work                       0.2120000 
_refine.ls_R_factor_R_free                       0.3180000 
_refine.ls_R_factor_R_free_error                 ? 
_refine.ls_R_factor_R_free_error_details         ? 
_refine.ls_percent_reflns_R_free                 10. 
_refine.ls_number_reflns_R_free                  369 
_refine.ls_number_parameters                     ? 
_refine.ls_number_restraints                     ? 
_refine.occupancy_min                            ? 
_refine.occupancy_max                            ? 
_refine.B_iso_mean                               ? 
_refine.aniso_B[1][1]                            ? 
_refine.aniso_B[2][2]                            ? 
_refine.aniso_B[3][3]                            ? 
_refine.aniso_B[1][2]                            ? 
_refine.aniso_B[1][3]                            ? 
_refine.aniso_B[2][3]                            ? 
_refine.solvent_model_details                    ? 
_refine.solvent_model_param_ksol                 ? 
_refine.solvent_model_param_bsol                 ? 
_refine.pdbx_ls_cross_valid_method               THROUGHOUT 
_refine.details                                  ? 
_refine.pdbx_starting_model                      ? 
_refine.pdbx_method_to_determine_struct          MAD 
_refine.pdbx_isotropic_thermal_model             ? 
_refine.pdbx_stereochemistry_target_values       ? 
_refine.pdbx_stereochem_target_val_spec_case     ? 
_refine.pdbx_R_Free_selection_details            RANDOM 
_refine.pdbx_overall_ESU_R                       ? 
_refine.pdbx_overall_ESU_R_Free                  ? 
_refine.overall_SU_ML                            ? 
_refine.overall_SU_B                             ? 
_refine.pdbx_refine_id                           'X-RAY DIFFRACTION' 
_refine.pdbx_diffrn_id                           1 
_refine.pdbx_TLS_residual_ADP_flag               ? 
_refine.correlation_coeff_Fo_to_Fc               ? 
_refine.correlation_coeff_Fo_to_Fc_free          ? 
_refine.pdbx_solvent_vdw_probe_radii             ? 
_refine.pdbx_solvent_ion_probe_radii             ? 
_refine.pdbx_solvent_shrinkage_radii             ? 
_refine.pdbx_overall_phase_error                 ? 
_refine.overall_SU_R_Cruickshank_DPI             ? 
_refine.pdbx_overall_SU_R_free_Cruickshank_DPI   ? 
_refine.pdbx_overall_SU_R_Blow_DPI               ? 
_refine.pdbx_overall_SU_R_free_Blow_DPI          ? 
# 
_refine_hist.pdbx_refine_id                   'X-RAY DIFFRACTION' 
_refine_hist.cycle_id                         LAST 
_refine_hist.pdbx_number_atoms_protein        717 
_refine_hist.pdbx_number_atoms_nucleic_acid   0 
_refine_hist.pdbx_number_atoms_ligand         0 
_refine_hist.number_atoms_solvent             59 
_refine_hist.number_atoms_total               776 
_refine_hist.d_res_high                       2.10 
_refine_hist.d_res_low                        6.00 
# 
loop_
_refine_ls_restr.type 
_refine_ls_restr.dev_ideal 
_refine_ls_restr.dev_ideal_target 
_refine_ls_restr.weight 
_refine_ls_restr.number 
_refine_ls_restr.pdbx_refine_id 
_refine_ls_restr.pdbx_restraint_function 
x_bond_d                0.007 ? ? ? 'X-RAY DIFFRACTION' ? 
x_bond_d_na             ?     ? ? ? 'X-RAY DIFFRACTION' ? 
x_bond_d_prot           ?     ? ? ? 'X-RAY DIFFRACTION' ? 
x_angle_d               ?     ? ? ? 'X-RAY DIFFRACTION' ? 
x_angle_d_na            ?     ? ? ? 'X-RAY DIFFRACTION' ? 
x_angle_d_prot          ?     ? ? ? 'X-RAY DIFFRACTION' ? 
x_angle_deg             1.14  ? ? ? 'X-RAY DIFFRACTION' ? 
x_angle_deg_na          ?     ? ? ? 'X-RAY DIFFRACTION' ? 
x_angle_deg_prot        ?     ? ? ? 'X-RAY DIFFRACTION' ? 
x_dihedral_angle_d      ?     ? ? ? 'X-RAY DIFFRACTION' ? 
x_dihedral_angle_d_na   ?     ? ? ? 'X-RAY DIFFRACTION' ? 
x_dihedral_angle_d_prot ?     ? ? ? 'X-RAY DIFFRACTION' ? 
x_improper_angle_d      ?     ? ? ? 'X-RAY DIFFRACTION' ? 
x_improper_angle_d_na   ?     ? ? ? 'X-RAY DIFFRACTION' ? 
x_improper_angle_d_prot ?     ? ? ? 'X-RAY DIFFRACTION' ? 
x_mcbond_it             ?     ? ? ? 'X-RAY DIFFRACTION' ? 
x_mcangle_it            ?     ? ? ? 'X-RAY DIFFRACTION' ? 
x_scbond_it             ?     ? ? ? 'X-RAY DIFFRACTION' ? 
x_scangle_it            ?     ? ? ? 'X-RAY DIFFRACTION' ? 
# 
_refine_ls_shell.pdbx_total_number_of_bins_used   8 
_refine_ls_shell.d_res_high                       2.10 
_refine_ls_shell.d_res_low                        2.20 
_refine_ls_shell.number_reflns_R_work             575 
_refine_ls_shell.R_factor_R_work                  0.3450000 
_refine_ls_shell.percent_reflns_obs               99.5 
_refine_ls_shell.R_factor_R_free                  0.3100000 
_refine_ls_shell.R_factor_R_free_error            0 
_refine_ls_shell.percent_reflns_R_free            11.1 
_refine_ls_shell.number_reflns_R_free             64 
_refine_ls_shell.pdbx_refine_id                   'X-RAY DIFFRACTION' 
_refine_ls_shell.number_reflns_all                ? 
_refine_ls_shell.R_factor_all                     ? 
# 
_struct.entry_id                  1A32 
_struct.title                     'RIBOSOMAL PROTEIN S15 FROM BACILLUS STEAROTHERMOPHILUS' 
_struct.pdbx_model_details        ? 
_struct.pdbx_CASP_flag            ? 
_struct.pdbx_model_type_details   ? 
# 
_struct_keywords.entry_id        1A32 
_struct_keywords.pdbx_keywords   'RIBOSOMAL PROTEIN' 
_struct_keywords.text            
'MULTIWAVELENGTH ANOMALOUS DIFFRACTION, PROTEIN-RNA, RIBOSOMAL PROTEIN INTERACTIONS, RIBOSOME, RNA-BINDING, RIBOSOMAL PROTEIN' 
# 
loop_
_struct_asym.id 
_struct_asym.pdbx_blank_PDB_chainid_flag 
_struct_asym.pdbx_modified 
_struct_asym.entity_id 
_struct_asym.details 
A N N 1 ? 
B N N 2 ? 
# 
_struct_ref.id                         1 
_struct_ref.db_name                    UNP 
_struct_ref.db_code                    RS15_BACST 
_struct_ref.entity_id                  1 
_struct_ref.pdbx_db_accession          P05766 
_struct_ref.pdbx_align_begin           1 
_struct_ref.pdbx_seq_one_letter_code   
;ALTQERKREIIEQFKVHENDTGSPEVQIAILTEQINNLNEHLRVHKKDHHSRRGLLKMVGKRRRLLAYLRNKDVARYREI
VEKLGLRR
;
_struct_ref.pdbx_db_isoform            ? 
# 
_struct_ref_seq.align_id                      1 
_struct_ref_seq.ref_id                        1 
_struct_ref_seq.pdbx_PDB_id_code              1A32 
_struct_ref_seq.pdbx_strand_id                A 
_struct_ref_seq.seq_align_beg                 1 
_struct_ref_seq.pdbx_seq_align_beg_ins_code   ? 
_struct_ref_seq.seq_align_end                 88 
_struct_ref_seq.pdbx_seq_align_end_ins_code   ? 
_struct_ref_seq.pdbx_db_accession             P05766 
_struct_ref_seq.db_align_beg                  1 
_struct_ref_seq.pdbx_db_align_beg_ins_code    ? 
_struct_ref_seq.db_align_end                  88 
_struct_ref_seq.pdbx_db_align_end_ins_code    ? 
_struct_ref_seq.pdbx_auth_seq_align_beg       1 
_struct_ref_seq.pdbx_auth_seq_align_end       88 
# 
_pdbx_struct_assembly.id                   1 
_pdbx_struct_assembly.details              author_defined_assembly 
_pdbx_struct_assembly.method_details       ? 
_pdbx_struct_assembly.oligomeric_details   monomeric 
_pdbx_struct_assembly.oligomeric_count     1 
# 
_pdbx_struct_assembly_gen.assembly_id       1 
_pdbx_struct_assembly_gen.oper_expression   1 
_pdbx_struct_assembly_gen.asym_id_list      A,B 
# 
_pdbx_struct_oper_list.id                   1 
_pdbx_struct_oper_list.type                 'identity operation' 
_pdbx_struct_oper_list.name                 1_555 
_pdbx_struct_oper_list.symmetry_operation   x,y,z 
_pdbx_struct_oper_list.matrix[1][1]         1.0000000000 
_pdbx_struct_oper_list.matrix[1][2]         0.0000000000 
_pdbx_struct_oper_list.matrix[1][3]         0.0000000000 
_pdbx_struct_oper_list.vector[1]            0.0000000000 
_pdbx_struct_oper_list.matrix[2][1]         0.0000000000 
_pdbx_struct_oper_list.matrix[2][2]         1.0000000000 
_pdbx_struct_oper_list.matrix[2][3]         0.0000000000 
_pdbx_struct_oper_list.vector[2]            0.0000000000 
_pdbx_struct_oper_list.matrix[3][1]         0.0000000000 
_pdbx_struct_oper_list.matrix[3][2]         0.0000000000 
_pdbx_struct_oper_list.matrix[3][3]         1.0000000000 
_pdbx_struct_oper_list.vector[3]            0.0000000000 
# 
_struct_biol.id   1 
# 
loop_
_struct_conf.conf_type_id 
_struct_conf.id 
_struct_conf.pdbx_PDB_helix_id 
_struct_conf.beg_label_comp_id 
_struct_conf.beg_label_asym_id 
_struct_conf.beg_label_seq_id 
_struct_conf.pdbx_beg_PDB_ins_code 
_struct_conf.end_label_comp_id 
_struct_conf.end_label_asym_id 
_struct_conf.end_label_seq_id 
_struct_conf.pdbx_end_PDB_ins_code 
_struct_conf.beg_auth_comp_id 
_struct_conf.beg_auth_asym_id 
_struct_conf.beg_auth_seq_id 
_struct_conf.end_auth_comp_id 
_struct_conf.end_auth_asym_id 
_struct_conf.end_auth_seq_id 
_struct_conf.pdbx_PDB_helix_class 
_struct_conf.details 
_struct_conf.pdbx_PDB_helix_length 
HELX_P HELX_P1 1 GLN A 4  ? GLN A 13 ? GLN A 4  GLN A 13 1 ? 10 
HELX_P HELX_P2 2 PRO A 24 ? VAL A 44 ? PRO A 24 VAL A 44 1 ? 21 
HELX_P HELX_P3 3 HIS A 50 ? LYS A 72 ? HIS A 50 LYS A 72 1 ? 23 
HELX_P HELX_P4 4 VAL A 74 ? LEU A 84 ? VAL A 74 LEU A 84 1 ? 11 
# 
_struct_conf_type.id          HELX_P 
_struct_conf_type.criteria    ? 
_struct_conf_type.reference   ? 
# 
loop_
_pdbx_validate_torsion.id 
_pdbx_validate_torsion.PDB_model_num 
_pdbx_validate_torsion.auth_comp_id 
_pdbx_validate_torsion.auth_asym_id 
_pdbx_validate_torsion.auth_seq_id 
_pdbx_validate_torsion.PDB_ins_code 
_pdbx_validate_torsion.label_alt_id 
_pdbx_validate_torsion.phi 
_pdbx_validate_torsion.psi 
1 1 HIS A 17 ? ? 151.90  -170.93 
2 1 GLU A 18 ? ? -64.10  -144.77 
3 1 ASP A 20 ? ? -72.30  -77.90  
4 1 THR A 21 ? ? 31.29   37.47   
5 1 HIS A 49 ? ? -140.61 -32.54  
# 
loop_
_pdbx_unobs_or_zero_occ_residues.id 
_pdbx_unobs_or_zero_occ_residues.PDB_model_num 
_pdbx_unobs_or_zero_occ_residues.polymer_flag 
_pdbx_unobs_or_zero_occ_residues.occupancy_flag 
_pdbx_unobs_or_zero_occ_residues.auth_asym_id 
_pdbx_unobs_or_zero_occ_residues.auth_comp_id 
_pdbx_unobs_or_zero_occ_residues.auth_seq_id 
_pdbx_unobs_or_zero_occ_residues.PDB_ins_code 
_pdbx_unobs_or_zero_occ_residues.label_asym_id 
_pdbx_unobs_or_zero_occ_residues.label_comp_id 
_pdbx_unobs_or_zero_occ_residues.label_seq_id 
1 1 Y 1 A ALA 1  ? A ALA 1  
2 1 Y 1 A ARG 87 ? A ARG 87 
3 1 Y 1 A ARG 88 ? A ARG 88 
# 
loop_
_chem_comp_atom.comp_id 
_chem_comp_atom.atom_id 
_chem_comp_atom.type_symbol 
_chem_comp_atom.pdbx_aromatic_flag 
_chem_comp_atom.pdbx_stereo_config 
_chem_comp_atom.pdbx_ordinal 
ALA N    N N N 1   
ALA CA   C N S 2   
ALA C    C N N 3   
ALA O    O N N 4   
ALA CB   C N N 5   
ALA OXT  O N N 6   
ALA H    H N N 7   
ALA H2   H N N 8   
ALA HA   H N N 9   
ALA HB1  H N N 10  
ALA HB2  H N N 11  
ALA HB3  H N N 12  
ALA HXT  H N N 13  
ARG N    N N N 14  
ARG CA   C N S 15  
ARG C    C N N 16  
ARG O    O N N 17  
ARG CB   C N N 18  
ARG CG   C N N 19  
ARG CD   C N N 20  
ARG NE   N N N 21  
ARG CZ   C N N 22  
ARG NH1  N N N 23  
ARG NH2  N N N 24  
ARG OXT  O N N 25  
ARG H    H N N 26  
ARG H2   H N N 27  
ARG HA   H N N 28  
ARG HB2  H N N 29  
ARG HB3  H N N 30  
ARG HG2  H N N 31  
ARG HG3  H N N 32  
ARG HD2  H N N 33  
ARG HD3  H N N 34  
ARG HE   H N N 35  
ARG HH11 H N N 36  
ARG HH12 H N N 37  
ARG HH21 H N N 38  
ARG HH22 H N N 39  
ARG HXT  H N N 40  
ASN N    N N N 41  
ASN CA   C N S 42  
ASN C    C N N 43  
ASN O    O N N 44  
ASN CB   C N N 45  
ASN CG   C N N 46  
ASN OD1  O N N 47  
ASN ND2  N N N 48  
ASN OXT  O N N 49  
ASN H    H N N 50  
ASN H2   H N N 51  
ASN HA   H N N 52  
ASN HB2  H N N 53  
ASN HB3  H N N 54  
ASN HD21 H N N 55  
ASN HD22 H N N 56  
ASN HXT  H N N 57  
ASP N    N N N 58  
ASP CA   C N S 59  
ASP C    C N N 60  
ASP O    O N N 61  
ASP CB   C N N 62  
ASP CG   C N N 63  
ASP OD1  O N N 64  
ASP OD2  O N N 65  
ASP OXT  O N N 66  
ASP H    H N N 67  
ASP H2   H N N 68  
ASP HA   H N N 69  
ASP HB2  H N N 70  
ASP HB3  H N N 71  
ASP HD2  H N N 72  
ASP HXT  H N N 73  
GLN N    N N N 74  
GLN CA   C N S 75  
GLN C    C N N 76  
GLN O    O N N 77  
GLN CB   C N N 78  
GLN CG   C N N 79  
GLN CD   C N N 80  
GLN OE1  O N N 81  
GLN NE2  N N N 82  
GLN OXT  O N N 83  
GLN H    H N N 84  
GLN H2   H N N 85  
GLN HA   H N N 86  
GLN HB2  H N N 87  
GLN HB3  H N N 88  
GLN HG2  H N N 89  
GLN HG3  H N N 90  
GLN HE21 H N N 91  
GLN HE22 H N N 92  
GLN HXT  H N N 93  
GLU N    N N N 94  
GLU CA   C N S 95  
GLU C    C N N 96  
GLU O    O N N 97  
GLU CB   C N N 98  
GLU CG   C N N 99  
GLU CD   C N N 100 
GLU OE1  O N N 101 
GLU OE2  O N N 102 
GLU OXT  O N N 103 
GLU H    H N N 104 
GLU H2   H N N 105 
GLU HA   H N N 106 
GLU HB2  H N N 107 
GLU HB3  H N N 108 
GLU HG2  H N N 109 
GLU HG3  H N N 110 
GLU HE2  H N N 111 
GLU HXT  H N N 112 
GLY N    N N N 113 
GLY CA   C N N 114 
GLY C    C N N 115 
GLY O    O N N 116 
GLY OXT  O N N 117 
GLY H    H N N 118 
GLY H2   H N N 119 
GLY HA2  H N N 120 
GLY HA3  H N N 121 
GLY HXT  H N N 122 
HIS N    N N N 123 
HIS CA   C N S 124 
HIS C    C N N 125 
HIS O    O N N 126 
HIS CB   C N N 127 
HIS CG   C Y N 128 
HIS ND1  N Y N 129 
HIS CD2  C Y N 130 
HIS CE1  C Y N 131 
HIS NE2  N Y N 132 
HIS OXT  O N N 133 
HIS H    H N N 134 
HIS H2   H N N 135 
HIS HA   H N N 136 
HIS HB2  H N N 137 
HIS HB3  H N N 138 
HIS HD1  H N N 139 
HIS HD2  H N N 140 
HIS HE1  H N N 141 
HIS HE2  H N N 142 
HIS HXT  H N N 143 
HOH O    O N N 144 
HOH H1   H N N 145 
HOH H2   H N N 146 
ILE N    N N N 147 
ILE CA   C N S 148 
ILE C    C N N 149 
ILE O    O N N 150 
ILE CB   C N S 151 
ILE CG1  C N N 152 
ILE CG2  C N N 153 
ILE CD1  C N N 154 
ILE OXT  O N N 155 
ILE H    H N N 156 
ILE H2   H N N 157 
ILE HA   H N N 158 
ILE HB   H N N 159 
ILE HG12 H N N 160 
ILE HG13 H N N 161 
ILE HG21 H N N 162 
ILE HG22 H N N 163 
ILE HG23 H N N 164 
ILE HD11 H N N 165 
ILE HD12 H N N 166 
ILE HD13 H N N 167 
ILE HXT  H N N 168 
LEU N    N N N 169 
LEU CA   C N S 170 
LEU C    C N N 171 
LEU O    O N N 172 
LEU CB   C N N 173 
LEU CG   C N N 174 
LEU CD1  C N N 175 
LEU CD2  C N N 176 
LEU OXT  O N N 177 
LEU H    H N N 178 
LEU H2   H N N 179 
LEU HA   H N N 180 
LEU HB2  H N N 181 
LEU HB3  H N N 182 
LEU HG   H N N 183 
LEU HD11 H N N 184 
LEU HD12 H N N 185 
LEU HD13 H N N 186 
LEU HD21 H N N 187 
LEU HD22 H N N 188 
LEU HD23 H N N 189 
LEU HXT  H N N 190 
LYS N    N N N 191 
LYS CA   C N S 192 
LYS C    C N N 193 
LYS O    O N N 194 
LYS CB   C N N 195 
LYS CG   C N N 196 
LYS CD   C N N 197 
LYS CE   C N N 198 
LYS NZ   N N N 199 
LYS OXT  O N N 200 
LYS H    H N N 201 
LYS H2   H N N 202 
LYS HA   H N N 203 
LYS HB2  H N N 204 
LYS HB3  H N N 205 
LYS HG2  H N N 206 
LYS HG3  H N N 207 
LYS HD2  H N N 208 
LYS HD3  H N N 209 
LYS HE2  H N N 210 
LYS HE3  H N N 211 
LYS HZ1  H N N 212 
LYS HZ2  H N N 213 
LYS HZ3  H N N 214 
LYS HXT  H N N 215 
MET N    N N N 216 
MET CA   C N S 217 
MET C    C N N 218 
MET O    O N N 219 
MET CB   C N N 220 
MET CG   C N N 221 
MET SD   S N N 222 
MET CE   C N N 223 
MET OXT  O N N 224 
MET H    H N N 225 
MET H2   H N N 226 
MET HA   H N N 227 
MET HB2  H N N 228 
MET HB3  H N N 229 
MET HG2  H N N 230 
MET HG3  H N N 231 
MET HE1  H N N 232 
MET HE2  H N N 233 
MET HE3  H N N 234 
MET HXT  H N N 235 
PHE N    N N N 236 
PHE CA   C N S 237 
PHE C    C N N 238 
PHE O    O N N 239 
PHE CB   C N N 240 
PHE CG   C Y N 241 
PHE CD1  C Y N 242 
PHE CD2  C Y N 243 
PHE CE1  C Y N 244 
PHE CE2  C Y N 245 
PHE CZ   C Y N 246 
PHE OXT  O N N 247 
PHE H    H N N 248 
PHE H2   H N N 249 
PHE HA   H N N 250 
PHE HB2  H N N 251 
PHE HB3  H N N 252 
PHE HD1  H N N 253 
PHE HD2  H N N 254 
PHE HE1  H N N 255 
PHE HE2  H N N 256 
PHE HZ   H N N 257 
PHE HXT  H N N 258 
PRO N    N N N 259 
PRO CA   C N S 260 
PRO C    C N N 261 
PRO O    O N N 262 
PRO CB   C N N 263 
PRO CG   C N N 264 
PRO CD   C N N 265 
PRO OXT  O N N 266 
PRO H    H N N 267 
PRO HA   H N N 268 
PRO HB2  H N N 269 
PRO HB3  H N N 270 
PRO HG2  H N N 271 
PRO HG3  H N N 272 
PRO HD2  H N N 273 
PRO HD3  H N N 274 
PRO HXT  H N N 275 
SER N    N N N 276 
SER CA   C N S 277 
SER C    C N N 278 
SER O    O N N 279 
SER CB   C N N 280 
SER OG   O N N 281 
SER OXT  O N N 282 
SER H    H N N 283 
SER H2   H N N 284 
SER HA   H N N 285 
SER HB2  H N N 286 
SER HB3  H N N 287 
SER HG   H N N 288 
SER HXT  H N N 289 
THR N    N N N 290 
THR CA   C N S 291 
THR C    C N N 292 
THR O    O N N 293 
THR CB   C N R 294 
THR OG1  O N N 295 
THR CG2  C N N 296 
THR OXT  O N N 297 
THR H    H N N 298 
THR H2   H N N 299 
THR HA   H N N 300 
THR HB   H N N 301 
THR HG1  H N N 302 
THR HG21 H N N 303 
THR HG22 H N N 304 
THR HG23 H N N 305 
THR HXT  H N N 306 
TYR N    N N N 307 
TYR CA   C N S 308 
TYR C    C N N 309 
TYR O    O N N 310 
TYR CB   C N N 311 
TYR CG   C Y N 312 
TYR CD1  C Y N 313 
TYR CD2  C Y N 314 
TYR CE1  C Y N 315 
TYR CE2  C Y N 316 
TYR CZ   C Y N 317 
TYR OH   O N N 318 
TYR OXT  O N N 319 
TYR H    H N N 320 
TYR H2   H N N 321 
TYR HA   H N N 322 
TYR HB2  H N N 323 
TYR HB3  H N N 324 
TYR HD1  H N N 325 
TYR HD2  H N N 326 
TYR HE1  H N N 327 
TYR HE2  H N N 328 
TYR HH   H N N 329 
TYR HXT  H N N 330 
VAL N    N N N 331 
VAL CA   C N S 332 
VAL C    C N N 333 
VAL O    O N N 334 
VAL CB   C N N 335 
VAL CG1  C N N 336 
VAL CG2  C N N 337 
VAL OXT  O N N 338 
VAL H    H N N 339 
VAL H2   H N N 340 
VAL HA   H N N 341 
VAL HB   H N N 342 
VAL HG11 H N N 343 
VAL HG12 H N N 344 
VAL HG13 H N N 345 
VAL HG21 H N N 346 
VAL HG22 H N N 347 
VAL HG23 H N N 348 
VAL HXT  H N N 349 
# 
loop_
_chem_comp_bond.comp_id 
_chem_comp_bond.atom_id_1 
_chem_comp_bond.atom_id_2 
_chem_comp_bond.value_order 
_chem_comp_bond.pdbx_aromatic_flag 
_chem_comp_bond.pdbx_stereo_config 
_chem_comp_bond.pdbx_ordinal 
ALA N   CA   sing N N 1   
ALA N   H    sing N N 2   
ALA N   H2   sing N N 3   
ALA CA  C    sing N N 4   
ALA CA  CB   sing N N 5   
ALA CA  HA   sing N N 6   
ALA C   O    doub N N 7   
ALA C   OXT  sing N N 8   
ALA CB  HB1  sing N N 9   
ALA CB  HB2  sing N N 10  
ALA CB  HB3  sing N N 11  
ALA OXT HXT  sing N N 12  
ARG N   CA   sing N N 13  
ARG N   H    sing N N 14  
ARG N   H2   sing N N 15  
ARG CA  C    sing N N 16  
ARG CA  CB   sing N N 17  
ARG CA  HA   sing N N 18  
ARG C   O    doub N N 19  
ARG C   OXT  sing N N 20  
ARG CB  CG   sing N N 21  
ARG CB  HB2  sing N N 22  
ARG CB  HB3  sing N N 23  
ARG CG  CD   sing N N 24  
ARG CG  HG2  sing N N 25  
ARG CG  HG3  sing N N 26  
ARG CD  NE   sing N N 27  
ARG CD  HD2  sing N N 28  
ARG CD  HD3  sing N N 29  
ARG NE  CZ   sing N N 30  
ARG NE  HE   sing N N 31  
ARG CZ  NH1  sing N N 32  
ARG CZ  NH2  doub N N 33  
ARG NH1 HH11 sing N N 34  
ARG NH1 HH12 sing N N 35  
ARG NH2 HH21 sing N N 36  
ARG NH2 HH22 sing N N 37  
ARG OXT HXT  sing N N 38  
ASN N   CA   sing N N 39  
ASN N   H    sing N N 40  
ASN N   H2   sing N N 41  
ASN CA  C    sing N N 42  
ASN CA  CB   sing N N 43  
ASN CA  HA   sing N N 44  
ASN C   O    doub N N 45  
ASN C   OXT  sing N N 46  
ASN CB  CG   sing N N 47  
ASN CB  HB2  sing N N 48  
ASN CB  HB3  sing N N 49  
ASN CG  OD1  doub N N 50  
ASN CG  ND2  sing N N 51  
ASN ND2 HD21 sing N N 52  
ASN ND2 HD22 sing N N 53  
ASN OXT HXT  sing N N 54  
ASP N   CA   sing N N 55  
ASP N   H    sing N N 56  
ASP N   H2   sing N N 57  
ASP CA  C    sing N N 58  
ASP CA  CB   sing N N 59  
ASP CA  HA   sing N N 60  
ASP C   O    doub N N 61  
ASP C   OXT  sing N N 62  
ASP CB  CG   sing N N 63  
ASP CB  HB2  sing N N 64  
ASP CB  HB3  sing N N 65  
ASP CG  OD1  doub N N 66  
ASP CG  OD2  sing N N 67  
ASP OD2 HD2  sing N N 68  
ASP OXT HXT  sing N N 69  
GLN N   CA   sing N N 70  
GLN N   H    sing N N 71  
GLN N   H2   sing N N 72  
GLN CA  C    sing N N 73  
GLN CA  CB   sing N N 74  
GLN CA  HA   sing N N 75  
GLN C   O    doub N N 76  
GLN C   OXT  sing N N 77  
GLN CB  CG   sing N N 78  
GLN CB  HB2  sing N N 79  
GLN CB  HB3  sing N N 80  
GLN CG  CD   sing N N 81  
GLN CG  HG2  sing N N 82  
GLN CG  HG3  sing N N 83  
GLN CD  OE1  doub N N 84  
GLN CD  NE2  sing N N 85  
GLN NE2 HE21 sing N N 86  
GLN NE2 HE22 sing N N 87  
GLN OXT HXT  sing N N 88  
GLU N   CA   sing N N 89  
GLU N   H    sing N N 90  
GLU N   H2   sing N N 91  
GLU CA  C    sing N N 92  
GLU CA  CB   sing N N 93  
GLU CA  HA   sing N N 94  
GLU C   O    doub N N 95  
GLU C   OXT  sing N N 96  
GLU CB  CG   sing N N 97  
GLU CB  HB2  sing N N 98  
GLU CB  HB3  sing N N 99  
GLU CG  CD   sing N N 100 
GLU CG  HG2  sing N N 101 
GLU CG  HG3  sing N N 102 
GLU CD  OE1  doub N N 103 
GLU CD  OE2  sing N N 104 
GLU OE2 HE2  sing N N 105 
GLU OXT HXT  sing N N 106 
GLY N   CA   sing N N 107 
GLY N   H    sing N N 108 
GLY N   H2   sing N N 109 
GLY CA  C    sing N N 110 
GLY CA  HA2  sing N N 111 
GLY CA  HA3  sing N N 112 
GLY C   O    doub N N 113 
GLY C   OXT  sing N N 114 
GLY OXT HXT  sing N N 115 
HIS N   CA   sing N N 116 
HIS N   H    sing N N 117 
HIS N   H2   sing N N 118 
HIS CA  C    sing N N 119 
HIS CA  CB   sing N N 120 
HIS CA  HA   sing N N 121 
HIS C   O    doub N N 122 
HIS C   OXT  sing N N 123 
HIS CB  CG   sing N N 124 
HIS CB  HB2  sing N N 125 
HIS CB  HB3  sing N N 126 
HIS CG  ND1  sing Y N 127 
HIS CG  CD2  doub Y N 128 
HIS ND1 CE1  doub Y N 129 
HIS ND1 HD1  sing N N 130 
HIS CD2 NE2  sing Y N 131 
HIS CD2 HD2  sing N N 132 
HIS CE1 NE2  sing Y N 133 
HIS CE1 HE1  sing N N 134 
HIS NE2 HE2  sing N N 135 
HIS OXT HXT  sing N N 136 
HOH O   H1   sing N N 137 
HOH O   H2   sing N N 138 
ILE N   CA   sing N N 139 
ILE N   H    sing N N 140 
ILE N   H2   sing N N 141 
ILE CA  C    sing N N 142 
ILE CA  CB   sing N N 143 
ILE CA  HA   sing N N 144 
ILE C   O    doub N N 145 
ILE C   OXT  sing N N 146 
ILE CB  CG1  sing N N 147 
ILE CB  CG2  sing N N 148 
ILE CB  HB   sing N N 149 
ILE CG1 CD1  sing N N 150 
ILE CG1 HG12 sing N N 151 
ILE CG1 HG13 sing N N 152 
ILE CG2 HG21 sing N N 153 
ILE CG2 HG22 sing N N 154 
ILE CG2 HG23 sing N N 155 
ILE CD1 HD11 sing N N 156 
ILE CD1 HD12 sing N N 157 
ILE CD1 HD13 sing N N 158 
ILE OXT HXT  sing N N 159 
LEU N   CA   sing N N 160 
LEU N   H    sing N N 161 
LEU N   H2   sing N N 162 
LEU CA  C    sing N N 163 
LEU CA  CB   sing N N 164 
LEU CA  HA   sing N N 165 
LEU C   O    doub N N 166 
LEU C   OXT  sing N N 167 
LEU CB  CG   sing N N 168 
LEU CB  HB2  sing N N 169 
LEU CB  HB3  sing N N 170 
LEU CG  CD1  sing N N 171 
LEU CG  CD2  sing N N 172 
LEU CG  HG   sing N N 173 
LEU CD1 HD11 sing N N 174 
LEU CD1 HD12 sing N N 175 
LEU CD1 HD13 sing N N 176 
LEU CD2 HD21 sing N N 177 
LEU CD2 HD22 sing N N 178 
LEU CD2 HD23 sing N N 179 
LEU OXT HXT  sing N N 180 
LYS N   CA   sing N N 181 
LYS N   H    sing N N 182 
LYS N   H2   sing N N 183 
LYS CA  C    sing N N 184 
LYS CA  CB   sing N N 185 
LYS CA  HA   sing N N 186 
LYS C   O    doub N N 187 
LYS C   OXT  sing N N 188 
LYS CB  CG   sing N N 189 
LYS CB  HB2  sing N N 190 
LYS CB  HB3  sing N N 191 
LYS CG  CD   sing N N 192 
LYS CG  HG2  sing N N 193 
LYS CG  HG3  sing N N 194 
LYS CD  CE   sing N N 195 
LYS CD  HD2  sing N N 196 
LYS CD  HD3  sing N N 197 
LYS CE  NZ   sing N N 198 
LYS CE  HE2  sing N N 199 
LYS CE  HE3  sing N N 200 
LYS NZ  HZ1  sing N N 201 
LYS NZ  HZ2  sing N N 202 
LYS NZ  HZ3  sing N N 203 
LYS OXT HXT  sing N N 204 
MET N   CA   sing N N 205 
MET N   H    sing N N 206 
MET N   H2   sing N N 207 
MET CA  C    sing N N 208 
MET CA  CB   sing N N 209 
MET CA  HA   sing N N 210 
MET C   O    doub N N 211 
MET C   OXT  sing N N 212 
MET CB  CG   sing N N 213 
MET CB  HB2  sing N N 214 
MET CB  HB3  sing N N 215 
MET CG  SD   sing N N 216 
MET CG  HG2  sing N N 217 
MET CG  HG3  sing N N 218 
MET SD  CE   sing N N 219 
MET CE  HE1  sing N N 220 
MET CE  HE2  sing N N 221 
MET CE  HE3  sing N N 222 
MET OXT HXT  sing N N 223 
PHE N   CA   sing N N 224 
PHE N   H    sing N N 225 
PHE N   H2   sing N N 226 
PHE CA  C    sing N N 227 
PHE CA  CB   sing N N 228 
PHE CA  HA   sing N N 229 
PHE C   O    doub N N 230 
PHE C   OXT  sing N N 231 
PHE CB  CG   sing N N 232 
PHE CB  HB2  sing N N 233 
PHE CB  HB3  sing N N 234 
PHE CG  CD1  doub Y N 235 
PHE CG  CD2  sing Y N 236 
PHE CD1 CE1  sing Y N 237 
PHE CD1 HD1  sing N N 238 
PHE CD2 CE2  doub Y N 239 
PHE CD2 HD2  sing N N 240 
PHE CE1 CZ   doub Y N 241 
PHE CE1 HE1  sing N N 242 
PHE CE2 CZ   sing Y N 243 
PHE CE2 HE2  sing N N 244 
PHE CZ  HZ   sing N N 245 
PHE OXT HXT  sing N N 246 
PRO N   CA   sing N N 247 
PRO N   CD   sing N N 248 
PRO N   H    sing N N 249 
PRO CA  C    sing N N 250 
PRO CA  CB   sing N N 251 
PRO CA  HA   sing N N 252 
PRO C   O    doub N N 253 
PRO C   OXT  sing N N 254 
PRO CB  CG   sing N N 255 
PRO CB  HB2  sing N N 256 
PRO CB  HB3  sing N N 257 
PRO CG  CD   sing N N 258 
PRO CG  HG2  sing N N 259 
PRO CG  HG3  sing N N 260 
PRO CD  HD2  sing N N 261 
PRO CD  HD3  sing N N 262 
PRO OXT HXT  sing N N 263 
SER N   CA   sing N N 264 
SER N   H    sing N N 265 
SER N   H2   sing N N 266 
SER CA  C    sing N N 267 
SER CA  CB   sing N N 268 
SER CA  HA   sing N N 269 
SER C   O    doub N N 270 
SER C   OXT  sing N N 271 
SER CB  OG   sing N N 272 
SER CB  HB2  sing N N 273 
SER CB  HB3  sing N N 274 
SER OG  HG   sing N N 275 
SER OXT HXT  sing N N 276 
THR N   CA   sing N N 277 
THR N   H    sing N N 278 
THR N   H2   sing N N 279 
THR CA  C    sing N N 280 
THR CA  CB   sing N N 281 
THR CA  HA   sing N N 282 
THR C   O    doub N N 283 
THR C   OXT  sing N N 284 
THR CB  OG1  sing N N 285 
THR CB  CG2  sing N N 286 
THR CB  HB   sing N N 287 
THR OG1 HG1  sing N N 288 
THR CG2 HG21 sing N N 289 
THR CG2 HG22 sing N N 290 
THR CG2 HG23 sing N N 291 
THR OXT HXT  sing N N 292 
TYR N   CA   sing N N 293 
TYR N   H    sing N N 294 
TYR N   H2   sing N N 295 
TYR CA  C    sing N N 296 
TYR CA  CB   sing N N 297 
TYR CA  HA   sing N N 298 
TYR C   O    doub N N 299 
TYR C   OXT  sing N N 300 
TYR CB  CG   sing N N 301 
TYR CB  HB2  sing N N 302 
TYR CB  HB3  sing N N 303 
TYR CG  CD1  doub Y N 304 
TYR CG  CD2  sing Y N 305 
TYR CD1 CE1  sing Y N 306 
TYR CD1 HD1  sing N N 307 
TYR CD2 CE2  doub Y N 308 
TYR CD2 HD2  sing N N 309 
TYR CE1 CZ   doub Y N 310 
TYR CE1 HE1  sing N N 311 
TYR CE2 CZ   sing Y N 312 
TYR CE2 HE2  sing N N 313 
TYR CZ  OH   sing N N 314 
TYR OH  HH   sing N N 315 
TYR OXT HXT  sing N N 316 
VAL N   CA   sing N N 317 
VAL N   H    sing N N 318 
VAL N   H2   sing N N 319 
VAL CA  C    sing N N 320 
VAL CA  CB   sing N N 321 
VAL CA  HA   sing N N 322 
VAL C   O    doub N N 323 
VAL C   OXT  sing N N 324 
VAL CB  CG1  sing N N 325 
VAL CB  CG2  sing N N 326 
VAL CB  HB   sing N N 327 
VAL CG1 HG11 sing N N 328 
VAL CG1 HG12 sing N N 329 
VAL CG1 HG13 sing N N 330 
VAL CG2 HG21 sing N N 331 
VAL CG2 HG22 sing N N 332 
VAL CG2 HG23 sing N N 333 
VAL OXT HXT  sing N N 334 
# 
_atom_sites.entry_id                    1A32 
_atom_sites.fract_transf_matrix[1][1]   -0.02665322 
_atom_sites.fract_transf_matrix[1][2]   -0.00101772 
_atom_sites.fract_transf_matrix[1][3]   -0.01434403 
_atom_sites.fract_transf_matrix[2][1]   -0.01115037 
_atom_sites.fract_transf_matrix[2][2]   -0.01656082 
_atom_sites.fract_transf_matrix[2][3]   0.02189396 
_atom_sites.fract_transf_matrix[3][1]   -0.00382647 
_atom_sites.fract_transf_matrix[3][2]   0.01094916 
_atom_sites.fract_transf_matrix[3][3]   0.00633327 
_atom_sites.fract_transf_vector[1]      0.344529 
_atom_sites.fract_transf_vector[2]      0.102766 
_atom_sites.fract_transf_vector[3]      0.385032 
# 
loop_
_atom_type.symbol 
C 
N 
O 
S 
# 
loop_
_atom_site.group_PDB 
_atom_site.id 
_atom_site.type_symbol 
_atom_site.label_atom_id 
_atom_site.label_alt_id 
_atom_site.label_comp_id 
_atom_site.label_asym_id 
_atom_site.label_entity_id 
_atom_site.label_seq_id 
_atom_site.pdbx_PDB_ins_code 
_atom_site.Cartn_x 
_atom_site.Cartn_y 
_atom_site.Cartn_z 
_atom_site.occupancy 
_atom_site.B_iso_or_equiv 
_atom_site.pdbx_formal_charge 
_atom_site.auth_seq_id 
_atom_site.auth_comp_id 
_atom_site.auth_asym_id 
_atom_site.auth_atom_id 
_atom_site.pdbx_PDB_model_num 
ATOM   1   N N   . LEU A 1 2  ? 18.608  31.462  9.560   1.00 49.37 ? 2   LEU A N   1 
ATOM   2   C CA  . LEU A 1 2  ? 17.853  30.223  9.205   1.00 48.40 ? 2   LEU A CA  1 
ATOM   3   C C   . LEU A 1 2  ? 18.123  29.128  10.237  1.00 46.56 ? 2   LEU A C   1 
ATOM   4   O O   . LEU A 1 2  ? 19.255  28.654  10.360  1.00 47.05 ? 2   LEU A O   1 
ATOM   5   C CB  . LEU A 1 2  ? 18.284  29.732  7.818   1.00 51.90 ? 2   LEU A CB  1 
ATOM   6   C CG  . LEU A 1 2  ? 17.222  29.395  6.768   1.00 54.45 ? 2   LEU A CG  1 
ATOM   7   C CD1 . LEU A 1 2  ? 16.302  28.294  7.270   1.00 53.43 ? 2   LEU A CD1 1 
ATOM   8   C CD2 . LEU A 1 2  ? 16.432  30.648  6.429   1.00 55.22 ? 2   LEU A CD2 1 
ATOM   9   N N   . THR A 1 3  ? 17.091  28.735  10.983  1.00 42.49 ? 3   THR A N   1 
ATOM   10  C CA  . THR A 1 3  ? 17.240  27.683  11.988  1.00 40.93 ? 3   THR A CA  1 
ATOM   11  C C   . THR A 1 3  ? 17.274  26.330  11.294  1.00 41.24 ? 3   THR A C   1 
ATOM   12  O O   . THR A 1 3  ? 16.784  26.199  10.169  1.00 39.13 ? 3   THR A O   1 
ATOM   13  C CB  . THR A 1 3  ? 16.069  27.670  13.017  1.00 41.41 ? 3   THR A CB  1 
ATOM   14  O OG1 . THR A 1 3  ? 14.849  27.264  12.376  1.00 37.90 ? 3   THR A OG1 1 
ATOM   15  C CG2 . THR A 1 3  ? 15.890  29.042  13.649  1.00 40.14 ? 3   THR A CG2 1 
ATOM   16  N N   . GLN A 1 4  ? 17.860  25.334  11.963  1.00 40.25 ? 4   GLN A N   1 
ATOM   17  C CA  . GLN A 1 4  ? 17.937  23.970  11.424  1.00 39.77 ? 4   GLN A CA  1 
ATOM   18  C C   . GLN A 1 4  ? 16.530  23.456  11.163  1.00 36.25 ? 4   GLN A C   1 
ATOM   19  O O   . GLN A 1 4  ? 16.282  22.813  10.149  1.00 35.72 ? 4   GLN A O   1 
ATOM   20  C CB  . GLN A 1 4  ? 18.576  23.006  12.424  1.00 41.12 ? 4   GLN A CB  1 
ATOM   21  C CG  . GLN A 1 4  ? 19.985  23.300  12.859  1.00 42.20 ? 4   GLN A CG  1 
ATOM   22  C CD  . GLN A 1 4  ? 20.418  22.328  13.937  1.00 48.54 ? 4   GLN A CD  1 
ATOM   23  O OE1 . GLN A 1 4  ? 20.312  22.617  15.130  1.00 48.67 ? 4   GLN A OE1 1 
ATOM   24  N NE2 . GLN A 1 4  ? 20.859  21.144  13.523  1.00 54.06 ? 4   GLN A NE2 1 
ATOM   25  N N   . GLU A 1 5  ? 15.627  23.719  12.109  1.00 38.04 ? 5   GLU A N   1 
ATOM   26  C CA  . GLU A 1 5  ? 14.236  23.286  12.005  1.00 37.91 ? 5   GLU A CA  1 
ATOM   27  C C   . GLU A 1 5  ? 13.655  23.752  10.689  1.00 37.28 ? 5   GLU A C   1 
ATOM   28  O O   . GLU A 1 5  ? 13.224  22.933  9.875   1.00 33.40 ? 5   GLU A O   1 
ATOM   29  C CB  . GLU A 1 5  ? 13.397  23.846  13.163  1.00 42.76 ? 5   GLU A CB  1 
ATOM   30  C CG  . GLU A 1 5  ? 11.895  23.461  13.142  1.00 50.99 ? 5   GLU A CG  1 
ATOM   31  C CD  . GLU A 1 5  ? 11.024  24.347  12.236  1.00 52.98 ? 5   GLU A CD  1 
ATOM   32  O OE1 . GLU A 1 5  ? 10.714  25.501  12.611  1.00 56.64 ? 5   GLU A OE1 1 
ATOM   33  O OE2 . GLU A 1 5  ? 10.629  23.876  11.149  1.00 55.24 ? 5   GLU A OE2 1 
ATOM   34  N N   . ARG A 1 6  ? 13.662  25.070  10.487  1.00 34.39 ? 6   ARG A N   1 
ATOM   35  C CA  . ARG A 1 6  ? 13.122  25.659  9.273   1.00 30.57 ? 6   ARG A CA  1 
ATOM   36  C C   . ARG A 1 6  ? 13.901  25.241  8.035   1.00 29.20 ? 6   ARG A C   1 
ATOM   37  O O   . ARG A 1 6  ? 13.306  25.068  6.969   1.00 28.80 ? 6   ARG A O   1 
ATOM   38  C CB  . ARG A 1 6  ? 13.060  27.182  9.385   1.00 31.75 ? 6   ARG A CB  1 
ATOM   39  C CG  . ARG A 1 6  ? 12.406  27.877  8.191   1.00 24.56 ? 6   ARG A CG  1 
ATOM   40  C CD  . ARG A 1 6  ? 10.965  27.455  7.980   1.00 23.78 ? 6   ARG A CD  1 
ATOM   41  N NE  . ARG A 1 6  ? 10.372  28.188  6.862   1.00 23.15 ? 6   ARG A NE  1 
ATOM   42  C CZ  . ARG A 1 6  ? 9.390   27.726  6.097   1.00 29.32 ? 6   ARG A CZ  1 
ATOM   43  N NH1 . ARG A 1 6  ? 8.885   26.525  6.316   1.00 28.90 ? 6   ARG A NH1 1 
ATOM   44  N NH2 . ARG A 1 6  ? 8.898   28.470  5.119   1.00 26.00 ? 6   ARG A NH2 1 
ATOM   45  N N   . LYS A 1 7  ? 15.211  25.031  8.182   1.00 25.01 ? 7   LYS A N   1 
ATOM   46  C CA  . LYS A 1 7  ? 16.044  24.614  7.054   1.00 22.90 ? 7   LYS A CA  1 
ATOM   47  C C   . LYS A 1 7  ? 15.698  23.187  6.633   1.00 23.22 ? 7   LYS A C   1 
ATOM   48  O O   . LYS A 1 7  ? 15.622  22.899  5.439   1.00 22.19 ? 7   LYS A O   1 
ATOM   49  C CB  . LYS A 1 7  ? 17.525  24.698  7.400   1.00 25.14 ? 7   LYS A CB  1 
ATOM   50  C CG  . LYS A 1 7  ? 18.431  24.406  6.221   1.00 27.63 ? 7   LYS A CG  1 
ATOM   51  C CD  . LYS A 1 7  ? 19.897  24.404  6.629   1.00 36.15 ? 7   LYS A CD  1 
ATOM   52  C CE  . LYS A 1 7  ? 20.818  24.157  5.443   1.00 40.05 ? 7   LYS A CE  1 
ATOM   53  N NZ  . LYS A 1 7  ? 20.570  22.828  4.835   1.00 44.52 ? 7   LYS A NZ  1 
ATOM   54  N N   . ARG A 1 8  ? 15.461  22.317  7.616   1.00 22.83 ? 8   ARG A N   1 
ATOM   55  C CA  . ARG A 1 8  ? 15.111  20.918  7.361   1.00 17.48 ? 8   ARG A CA  1 
ATOM   56  C C   . ARG A 1 8  ? 13.668  20.784  6.914   1.00 19.66 ? 8   ARG A C   1 
ATOM   57  O O   . ARG A 1 8  ? 13.327  19.853  6.182   1.00 16.83 ? 8   ARG A O   1 
ATOM   58  C CB  . ARG A 1 8  ? 15.334  20.050  8.593   1.00 15.98 ? 8   ARG A CB  1 
ATOM   59  C CG  . ARG A 1 8  ? 16.782  19.840  8.940   1.00 19.48 ? 8   ARG A CG  1 
ATOM   60  C CD  . ARG A 1 8  ? 16.978  18.698  9.921   1.00 19.93 ? 8   ARG A CD  1 
ATOM   61  N NE  . ARG A 1 8  ? 16.494  19.019  11.257  1.00 18.12 ? 8   ARG A NE  1 
ATOM   62  C CZ  . ARG A 1 8  ? 17.267  19.470  12.239  1.00 28.96 ? 8   ARG A CZ  1 
ATOM   63  N NH1 . ARG A 1 8  ? 18.570  19.658  12.052  1.00 19.93 ? 8   ARG A NH1 1 
ATOM   64  N NH2 . ARG A 1 8  ? 16.728  19.740  13.415  1.00 30.63 ? 8   ARG A NH2 1 
ATOM   65  N N   . GLU A 1 9  ? 12.813  21.682  7.394   1.00 21.15 ? 9   GLU A N   1 
ATOM   66  C CA  . GLU A 1 9  ? 11.416  21.672  7.000   1.00 17.18 ? 9   GLU A CA  1 
ATOM   67  C C   . GLU A 1 9  ? 11.333  22.092  5.534   1.00 14.74 ? 9   GLU A C   1 
ATOM   68  O O   . GLU A 1 9  ? 10.681  21.427  4.741   1.00 14.84 ? 9   GLU A O   1 
ATOM   69  C CB  . GLU A 1 9  ? 10.580  22.605  7.876   1.00 12.93 ? 9   GLU A CB  1 
ATOM   70  C CG  . GLU A 1 9  ? 9.203   22.903  7.282   1.00 19.41 ? 9   GLU A CG  1 
ATOM   71  C CD  . GLU A 1 9  ? 8.284   23.599  8.259   1.00 31.06 ? 9   GLU A CD  1 
ATOM   72  O OE1 . GLU A 1 9  ? 8.346   24.836  8.374   1.00 34.42 ? 9   GLU A OE1 1 
ATOM   73  O OE2 . GLU A 1 9  ? 7.489   22.901  8.918   1.00 31.66 ? 9   GLU A OE2 1 
ATOM   74  N N   . ILE A 1 10 ? 12.018  23.173  5.170   1.00 18.60 ? 10  ILE A N   1 
ATOM   75  C CA  . ILE A 1 10 ? 12.016  23.635  3.782   1.00 18.54 ? 10  ILE A CA  1 
ATOM   76  C C   . ILE A 1 10 ? 12.537  22.523  2.864   1.00 18.52 ? 10  ILE A C   1 
ATOM   77  O O   . ILE A 1 10 ? 11.981  22.280  1.795   1.00 20.15 ? 10  ILE A O   1 
ATOM   78  C CB  . ILE A 1 10 ? 12.899  24.898  3.603   1.00 16.12 ? 10  ILE A CB  1 
ATOM   79  C CG1 . ILE A 1 10 ? 12.230  26.110  4.255   1.00 14.52 ? 10  ILE A CG1 1 
ATOM   80  C CG2 . ILE A 1 10 ? 13.163  25.173  2.121   1.00 11.97 ? 10  ILE A CG2 1 
ATOM   81  C CD1 . ILE A 1 10 ? 13.101  27.385  4.227   1.00 13.42 ? 10  ILE A CD1 1 
ATOM   82  N N   . ILE A 1 11 ? 13.574  21.821  3.315   1.00 18.50 ? 11  ILE A N   1 
ATOM   83  C CA  . ILE A 1 11 ? 14.156  20.732  2.528   1.00 21.84 ? 11  ILE A CA  1 
ATOM   84  C C   . ILE A 1 11 ? 13.129  19.687  2.093   1.00 22.36 ? 11  ILE A C   1 
ATOM   85  O O   . ILE A 1 11 ? 12.980  19.426  0.895   1.00 21.04 ? 11  ILE A O   1 
ATOM   86  C CB  . ILE A 1 11 ? 15.328  20.031  3.264   1.00 16.72 ? 11  ILE A CB  1 
ATOM   87  C CG1 . ILE A 1 11 ? 16.483  21.010  3.454   1.00 19.01 ? 11  ILE A CG1 1 
ATOM   88  C CG2 . ILE A 1 11 ? 15.824  18.824  2.459   1.00 20.28 ? 11  ILE A CG2 1 
ATOM   89  C CD1 . ILE A 1 11 ? 17.729  20.389  4.049   1.00 23.01 ? 11  ILE A CD1 1 
ATOM   90  N N   . GLU A 1 12 ? 12.427  19.082  3.049   1.00 25.97 ? 12  GLU A N   1 
ATOM   91  C CA  . GLU A 1 12 ? 11.436  18.077  2.685   1.00 28.60 ? 12  GLU A CA  1 
ATOM   92  C C   . GLU A 1 12 ? 10.240  18.700  1.989   1.00 30.06 ? 12  GLU A C   1 
ATOM   93  O O   . GLU A 1 12 ? 9.816   18.233  0.940   1.00 36.44 ? 12  GLU A O   1 
ATOM   94  C CB  . GLU A 1 12 ? 11.012  17.222  3.878   1.00 32.75 ? 12  GLU A CB  1 
ATOM   95  C CG  . GLU A 1 12 ? 10.683  17.945  5.156   1.00 40.00 ? 12  GLU A CG  1 
ATOM   96  C CD  . GLU A 1 12 ? 10.252  16.977  6.260   1.00 47.63 ? 12  GLU A CD  1 
ATOM   97  O OE1 . GLU A 1 12 ? 9.464   16.049  5.968   1.00 46.03 ? 12  GLU A OE1 1 
ATOM   98  O OE2 . GLU A 1 12 ? 10.687  17.146  7.420   1.00 48.88 ? 12  GLU A OE2 1 
ATOM   99  N N   . GLN A 1 13 ? 9.764   19.811  2.532   1.00 28.94 ? 13  GLN A N   1 
ATOM   100 C CA  . GLN A 1 13 ? 8.631   20.551  1.982   1.00 28.21 ? 13  GLN A CA  1 
ATOM   101 C C   . GLN A 1 13 ? 8.803   20.834  0.485   1.00 25.95 ? 13  GLN A C   1 
ATOM   102 O O   . GLN A 1 13 ? 7.838   20.759  -0.271  1.00 28.64 ? 13  GLN A O   1 
ATOM   103 C CB  . GLN A 1 13 ? 8.510   21.873  2.741   1.00 28.72 ? 13  GLN A CB  1 
ATOM   104 C CG  . GLN A 1 13 ? 7.146   22.494  2.822   1.00 30.63 ? 13  GLN A CG  1 
ATOM   105 C CD  . GLN A 1 13 ? 7.125   23.661  3.787   1.00 27.89 ? 13  GLN A CD  1 
ATOM   106 O OE1 . GLN A 1 13 ? 6.488   23.597  4.833   1.00 25.99 ? 13  GLN A OE1 1 
ATOM   107 N NE2 . GLN A 1 13 ? 7.843   24.725  3.449   1.00 25.69 ? 13  GLN A NE2 1 
ATOM   108 N N   . PHE A 1 14 ? 10.030  21.124  0.050   1.00 22.92 ? 14  PHE A N   1 
ATOM   109 C CA  . PHE A 1 14 ? 10.271  21.420  -1.364  1.00 22.26 ? 14  PHE A CA  1 
ATOM   110 C C   . PHE A 1 14 ? 11.021  20.399  -2.217  1.00 25.94 ? 14  PHE A C   1 
ATOM   111 O O   . PHE A 1 14 ? 11.442  20.712  -3.328  1.00 24.68 ? 14  PHE A O   1 
ATOM   112 C CB  . PHE A 1 14 ? 10.864  22.819  -1.543  1.00 13.48 ? 14  PHE A CB  1 
ATOM   113 C CG  . PHE A 1 14 ? 9.887   23.917  -1.261  1.00 14.70 ? 14  PHE A CG  1 
ATOM   114 C CD1 . PHE A 1 14 ? 8.889   24.223  -2.178  1.00 19.93 ? 14  PHE A CD1 1 
ATOM   115 C CD2 . PHE A 1 14 ? 9.941   24.631  -0.066  1.00 11.87 ? 14  PHE A CD2 1 
ATOM   116 C CE1 . PHE A 1 14 ? 7.953   25.230  -1.910  1.00 24.42 ? 14  PHE A CE1 1 
ATOM   117 C CE2 . PHE A 1 14 ? 9.014   25.638  0.215   1.00 21.53 ? 14  PHE A CE2 1 
ATOM   118 C CZ  . PHE A 1 14 ? 8.017   25.940  -0.707  1.00 23.41 ? 14  PHE A CZ  1 
ATOM   119 N N   . LYS A 1 15 ? 11.214  19.187  -1.705  1.00 32.22 ? 15  LYS A N   1 
ATOM   120 C CA  . LYS A 1 15 ? 11.865  18.163  -2.513  1.00 39.69 ? 15  LYS A CA  1 
ATOM   121 C C   . LYS A 1 15 ? 10.729  17.514  -3.291  1.00 45.01 ? 15  LYS A C   1 
ATOM   122 O O   . LYS A 1 15 ? 9.759   17.034  -2.704  1.00 49.51 ? 15  LYS A O   1 
ATOM   123 C CB  . LYS A 1 15 ? 12.622  17.138  -1.658  1.00 42.41 ? 15  LYS A CB  1 
ATOM   124 C CG  . LYS A 1 15 ? 11.786  16.285  -0.709  1.00 52.16 ? 15  LYS A CG  1 
ATOM   125 C CD  . LYS A 1 15 ? 12.647  15.165  -0.123  1.00 57.94 ? 15  LYS A CD  1 
ATOM   126 C CE  . LYS A 1 15 ? 11.854  14.217  0.768   1.00 59.34 ? 15  LYS A CE  1 
ATOM   127 N NZ  . LYS A 1 15 ? 11.445  14.851  2.049   1.00 60.79 ? 15  LYS A NZ  1 
ATOM   128 N N   . VAL A 1 16 ? 10.799  17.599  -4.615  1.00 51.59 ? 16  VAL A N   1 
ATOM   129 C CA  . VAL A 1 16 ? 9.760   17.041  -5.471  1.00 58.66 ? 16  VAL A CA  1 
ATOM   130 C C   . VAL A 1 16 ? 9.861   15.519  -5.624  1.00 62.88 ? 16  VAL A C   1 
ATOM   131 O O   . VAL A 1 16 ? 10.944  15.009  -5.902  1.00 65.78 ? 16  VAL A O   1 
ATOM   132 C CB  . VAL A 1 16 ? 9.776   17.729  -6.866  1.00 59.74 ? 16  VAL A CB  1 
ATOM   133 C CG1 . VAL A 1 16 ? 11.134  17.568  -7.538  1.00 55.25 ? 16  VAL A CG1 1 
ATOM   134 C CG2 . VAL A 1 16 ? 8.670   17.175  -7.749  1.00 63.22 ? 16  VAL A CG2 1 
ATOM   135 N N   . HIS A 1 17 ? 8.744   14.823  -5.360  1.00 67.71 ? 17  HIS A N   1 
ATOM   136 C CA  . HIS A 1 17 ? 8.595   13.355  -5.471  1.00 70.47 ? 17  HIS A CA  1 
ATOM   137 C C   . HIS A 1 17 ? 7.568   12.674  -4.562  1.00 72.36 ? 17  HIS A C   1 
ATOM   138 O O   . HIS A 1 17 ? 6.780   13.334  -3.884  1.00 72.02 ? 17  HIS A O   1 
ATOM   139 C CB  . HIS A 1 17 ? 9.926   12.606  -5.377  1.00 71.41 ? 17  HIS A CB  1 
ATOM   140 C CG  . HIS A 1 17 ? 10.595  12.416  -6.700  1.00 72.97 ? 17  HIS A CG  1 
ATOM   141 N ND1 . HIS A 1 17 ? 11.847  11.857  -6.828  1.00 75.33 ? 17  HIS A ND1 1 
ATOM   142 C CD2 . HIS A 1 17 ? 10.193  12.733  -7.953  1.00 73.02 ? 17  HIS A CD2 1 
ATOM   143 C CE1 . HIS A 1 17 ? 12.192  11.840  -8.104  1.00 76.67 ? 17  HIS A CE1 1 
ATOM   144 N NE2 . HIS A 1 17 ? 11.204  12.366  -8.806  1.00 77.67 ? 17  HIS A NE2 1 
ATOM   145 N N   . GLU A 1 18 ? 7.608   11.337  -4.568  1.00 75.62 ? 18  GLU A N   1 
ATOM   146 C CA  . GLU A 1 18 ? 6.713   10.461  -3.805  1.00 76.81 ? 18  GLU A CA  1 
ATOM   147 C C   . GLU A 1 18 ? 6.784   10.532  -2.272  1.00 78.31 ? 18  GLU A C   1 
ATOM   148 O O   . GLU A 1 18 ? 6.940   11.612  -1.697  1.00 81.63 ? 18  GLU A O   1 
ATOM   149 C CB  . GLU A 1 18 ? 6.889   9.004   -4.281  1.00 75.83 ? 18  GLU A CB  1 
ATOM   150 C CG  . GLU A 1 18 ? 8.056   8.181   -3.679  1.00 76.35 ? 18  GLU A CG  1 
ATOM   151 C CD  . GLU A 1 18 ? 9.433   8.774   -3.907  1.00 76.54 ? 18  GLU A CD  1 
ATOM   152 O OE1 . GLU A 1 18 ? 9.935   8.694   -5.046  1.00 80.04 ? 18  GLU A OE1 1 
ATOM   153 O OE2 . GLU A 1 18 ? 10.026  9.289   -2.934  1.00 73.58 ? 18  GLU A OE2 1 
ATOM   154 N N   . ASN A 1 19 ? 6.596   9.376   -1.629  1.00 77.41 ? 19  ASN A N   1 
ATOM   155 C CA  . ASN A 1 19 ? 6.617   9.220   -0.177  1.00 75.85 ? 19  ASN A CA  1 
ATOM   156 C C   . ASN A 1 19 ? 5.329   9.768   0.429   1.00 71.01 ? 19  ASN A C   1 
ATOM   157 O O   . ASN A 1 19 ? 5.211   9.923   1.644   1.00 69.85 ? 19  ASN A O   1 
ATOM   158 C CB  . ASN A 1 19 ? 7.852   9.887   0.443   1.00 81.83 ? 19  ASN A CB  1 
ATOM   159 C CG  . ASN A 1 19 ? 8.069   9.476   1.889   1.00 85.00 ? 19  ASN A CG  1 
ATOM   160 O OD1 . ASN A 1 19 ? 8.118   8.286   2.206   1.00 87.95 ? 19  ASN A OD1 1 
ATOM   161 N ND2 . ASN A 1 19 ? 8.184   10.460  2.775   1.00 86.44 ? 19  ASN A ND2 1 
ATOM   162 N N   . ASP A 1 20 ? 4.367   10.059  -0.438  1.00 65.12 ? 20  ASP A N   1 
ATOM   163 C CA  . ASP A 1 20 ? 3.077   10.568  -0.015  1.00 64.41 ? 20  ASP A CA  1 
ATOM   164 C C   . ASP A 1 20 ? 2.314   9.418   0.640   1.00 61.41 ? 20  ASP A C   1 
ATOM   165 O O   . ASP A 1 20 ? 2.247   9.332   1.867   1.00 63.94 ? 20  ASP A O   1 
ATOM   166 C CB  . ASP A 1 20 ? 2.312   11.115  -1.227  1.00 66.18 ? 20  ASP A CB  1 
ATOM   167 C CG  . ASP A 1 20 ? 0.867   11.452  -0.911  1.00 72.88 ? 20  ASP A CG  1 
ATOM   168 O OD1 . ASP A 1 20 ? 0.627   12.347  -0.066  1.00 71.82 ? 20  ASP A OD1 1 
ATOM   169 O OD2 . ASP A 1 20 ? -0.027  10.816  -1.515  1.00 75.79 ? 20  ASP A OD2 1 
ATOM   170 N N   . THR A 1 21 ? 1.761   8.535   -0.191  1.00 59.19 ? 21  THR A N   1 
ATOM   171 C CA  . THR A 1 21 ? 0.993   7.366   0.240   1.00 52.69 ? 21  THR A CA  1 
ATOM   172 C C   . THR A 1 21 ? 0.209   7.527   1.555   1.00 48.79 ? 21  THR A C   1 
ATOM   173 O O   . THR A 1 21 ? 0.136   6.601   2.375   1.00 49.37 ? 21  THR A O   1 
ATOM   174 C CB  . THR A 1 21 ? 1.881   6.082   0.264   1.00 55.53 ? 21  THR A CB  1 
ATOM   175 O OG1 . THR A 1 21 ? 2.731   6.074   1.419   1.00 57.95 ? 21  THR A OG1 1 
ATOM   176 C CG2 . THR A 1 21 ? 2.758   6.046   -0.967  1.00 56.18 ? 21  THR A CG2 1 
ATOM   177 N N   . GLY A 1 22 ? -0.345  8.720   1.760   1.00 39.49 ? 22  GLY A N   1 
ATOM   178 C CA  . GLY A 1 22 ? -1.136  8.978   2.947   1.00 31.92 ? 22  GLY A CA  1 
ATOM   179 C C   . GLY A 1 22 ? -2.611  8.726   2.656   1.00 31.39 ? 22  GLY A C   1 
ATOM   180 O O   . GLY A 1 22 ? -3.487  9.037   3.474   1.00 28.97 ? 22  GLY A O   1 
ATOM   181 N N   . SER A 1 23 ? -2.884  8.186   1.470   1.00 26.88 ? 23  SER A N   1 
ATOM   182 C CA  . SER A 1 23 ? -4.246  7.886   1.048   1.00 25.24 ? 23  SER A CA  1 
ATOM   183 C C   . SER A 1 23 ? -4.567  6.410   1.207   1.00 20.30 ? 23  SER A C   1 
ATOM   184 O O   . SER A 1 23 ? -3.729  5.548   0.933   1.00 15.70 ? 23  SER A O   1 
ATOM   185 C CB  . SER A 1 23 ? -4.451  8.289   -0.416  1.00 28.16 ? 23  SER A CB  1 
ATOM   186 O OG  . SER A 1 23 ? -5.665  7.770   -0.942  1.00 36.98 ? 23  SER A OG  1 
ATOM   187 N N   . PRO A 1 24 ? -5.792  6.104   1.664   1.00 19.66 ? 24  PRO A N   1 
ATOM   188 C CA  . PRO A 1 24 ? -6.278  4.736   1.872   1.00 22.02 ? 24  PRO A CA  1 
ATOM   189 C C   . PRO A 1 24 ? -6.197  3.962   0.559   1.00 21.21 ? 24  PRO A C   1 
ATOM   190 O O   . PRO A 1 24 ? -5.734  2.825   0.525   1.00 20.04 ? 24  PRO A O   1 
ATOM   191 C CB  . PRO A 1 24 ? -7.730  4.956   2.284   1.00 17.85 ? 24  PRO A CB  1 
ATOM   192 C CG  . PRO A 1 24 ? -7.668  6.259   3.010   1.00 21.49 ? 24  PRO A CG  1 
ATOM   193 C CD  . PRO A 1 24 ? -6.791  7.089   2.110   1.00 19.07 ? 24  PRO A CD  1 
ATOM   194 N N   . GLU A 1 25 ? -6.627  4.616   -0.516  1.00 22.91 ? 25  GLU A N   1 
ATOM   195 C CA  . GLU A 1 25 ? -6.618  4.049   -1.866  1.00 20.44 ? 25  GLU A CA  1 
ATOM   196 C C   . GLU A 1 25 ? -5.198  3.741   -2.358  1.00 16.12 ? 25  GLU A C   1 
ATOM   197 O O   . GLU A 1 25 ? -4.950  2.677   -2.926  1.00 13.55 ? 25  GLU A O   1 
ATOM   198 C CB  . GLU A 1 25 ? -7.299  5.016   -2.844  1.00 19.01 ? 25  GLU A CB  1 
ATOM   199 C CG  . GLU A 1 25 ? -8.822  5.114   -2.718  1.00 17.92 ? 25  GLU A CG  1 
ATOM   200 C CD  . GLU A 1 25 ? -9.309  6.096   -1.653  1.00 22.60 ? 25  GLU A CD  1 
ATOM   201 O OE1 . GLU A 1 25 ? -8.502  6.613   -0.851  1.00 21.87 ? 25  GLU A OE1 1 
ATOM   202 O OE2 . GLU A 1 25 ? -10.525 6.359   -1.632  1.00 25.10 ? 25  GLU A OE2 1 
ATOM   203 N N   . VAL A 1 26 ? -4.268  4.670   -2.140  1.00 15.74 ? 26  VAL A N   1 
ATOM   204 C CA  . VAL A 1 26 ? -2.879  4.467   -2.558  1.00 15.30 ? 26  VAL A CA  1 
ATOM   205 C C   . VAL A 1 26 ? -2.218  3.346   -1.739  1.00 18.22 ? 26  VAL A C   1 
ATOM   206 O O   . VAL A 1 26 ? -1.440  2.563   -2.286  1.00 23.12 ? 26  VAL A O   1 
ATOM   207 C CB  . VAL A 1 26 ? -2.031  5.769   -2.451  1.00 15.32 ? 26  VAL A CB  1 
ATOM   208 C CG1 . VAL A 1 26 ? -0.568  5.463   -2.744  1.00 10.03 ? 26  VAL A CG1 1 
ATOM   209 C CG2 . VAL A 1 26 ? -2.540  6.832   -3.432  1.00 8.47  ? 26  VAL A CG2 1 
ATOM   210 N N   . GLN A 1 27 ? -2.520  3.272   -0.439  1.00 16.41 ? 27  GLN A N   1 
ATOM   211 C CA  . GLN A 1 27 ? -1.956  2.221   0.412   1.00 18.96 ? 27  GLN A CA  1 
ATOM   212 C C   . GLN A 1 27 ? -2.494  0.867   -0.035  1.00 17.74 ? 27  GLN A C   1 
ATOM   213 O O   . GLN A 1 27 ? -1.743  -0.096  -0.165  1.00 21.86 ? 27  GLN A O   1 
ATOM   214 C CB  . GLN A 1 27 ? -2.283  2.451   1.895   1.00 18.81 ? 27  GLN A CB  1 
ATOM   215 C CG  . GLN A 1 27 ? -1.608  3.678   2.502   1.00 26.57 ? 27  GLN A CG  1 
ATOM   216 C CD  . GLN A 1 27 ? -1.645  3.705   4.029   1.00 29.48 ? 27  GLN A CD  1 
ATOM   217 O OE1 . GLN A 1 27 ? -2.025  2.730   4.681   1.00 29.99 ? 27  GLN A OE1 1 
ATOM   218 N NE2 . GLN A 1 27 ? -1.231  4.829   4.605   1.00 34.26 ? 27  GLN A NE2 1 
ATOM   219 N N   . ILE A 1 28 ? -3.789  0.824   -0.332  1.00 14.76 ? 28  ILE A N   1 
ATOM   220 C CA  . ILE A 1 28 ? -4.442  -0.404  -0.782  1.00 17.74 ? 28  ILE A CA  1 
ATOM   221 C C   . ILE A 1 28 ? -3.881  -0.834  -2.140  1.00 19.66 ? 28  ILE A C   1 
ATOM   222 O O   . ILE A 1 28 ? -3.672  -2.023  -2.375  1.00 21.67 ? 28  ILE A O   1 
ATOM   223 C CB  . ILE A 1 28 ? -5.995  -0.230  -0.868  1.00 16.60 ? 28  ILE A CB  1 
ATOM   224 C CG1 . ILE A 1 28 ? -6.583  0.002   0.529   1.00 11.54 ? 28  ILE A CG1 1 
ATOM   225 C CG2 . ILE A 1 28 ? -6.637  -1.460  -1.501  1.00 17.39 ? 28  ILE A CG2 1 
ATOM   226 C CD1 . ILE A 1 28 ? -8.071  0.233   0.545   1.00 8.19  ? 28  ILE A CD1 1 
ATOM   227 N N   . ALA A 1 29 ? -3.608  0.137   -3.014  1.00 15.80 ? 29  ALA A N   1 
ATOM   228 C CA  . ALA A 1 29 ? -3.065  -0.151  -4.346  1.00 15.20 ? 29  ALA A CA  1 
ATOM   229 C C   . ALA A 1 29 ? -1.605  -0.614  -4.298  1.00 11.91 ? 29  ALA A C   1 
ATOM   230 O O   . ALA A 1 29 ? -1.226  -1.547  -4.997  1.00 13.04 ? 29  ALA A O   1 
ATOM   231 C CB  . ALA A 1 29 ? -3.207  1.070   -5.252  1.00 11.23 ? 29  ALA A CB  1 
ATOM   232 N N   . ILE A 1 30 ? -0.793  0.048   -3.479  1.00 14.02 ? 30  ILE A N   1 
ATOM   233 C CA  . ILE A 1 30 ? 0.610   -0.310  -3.344  1.00 15.68 ? 30  ILE A CA  1 
ATOM   234 C C   . ILE A 1 30 ? 0.702   -1.739  -2.817  1.00 18.03 ? 30  ILE A C   1 
ATOM   235 O O   . ILE A 1 30 ? 1.519   -2.524  -3.285  1.00 20.42 ? 30  ILE A O   1 
ATOM   236 C CB  . ILE A 1 30 ? 1.374   0.658   -2.378  1.00 19.24 ? 30  ILE A CB  1 
ATOM   237 C CG1 . ILE A 1 30 ? 1.428   2.077   -2.961  1.00 14.55 ? 30  ILE A CG1 1 
ATOM   238 C CG2 . ILE A 1 30 ? 2.809   0.140   -2.118  1.00 23.63 ? 30  ILE A CG2 1 
ATOM   239 C CD1 . ILE A 1 30 ? 2.302   3.045   -2.160  1.00 12.60 ? 30  ILE A CD1 1 
ATOM   240 N N   . LEU A 1 31 ? -0.128  -2.068  -1.833  1.00 18.93 ? 31  LEU A N   1 
ATOM   241 C CA  . LEU A 1 31 ? -0.134  -3.420  -1.273  1.00 20.56 ? 31  LEU A CA  1 
ATOM   242 C C   . LEU A 1 31 ? -0.551  -4.435  -2.326  1.00 21.11 ? 31  LEU A C   1 
ATOM   243 O O   . LEU A 1 31 ? 0.095   -5.465  -2.480  1.00 19.74 ? 31  LEU A O   1 
ATOM   244 C CB  . LEU A 1 31 ? -1.094  -3.518  -0.088  1.00 17.02 ? 31  LEU A CB  1 
ATOM   245 C CG  . LEU A 1 31 ? -0.517  -3.163  1.272   1.00 21.10 ? 31  LEU A CG  1 
ATOM   246 C CD1 . LEU A 1 31 ? -1.651  -3.036  2.265   1.00 18.09 ? 31  LEU A CD1 1 
ATOM   247 C CD2 . LEU A 1 31 ? 0.481   -4.228  1.702   1.00 15.62 ? 31  LEU A CD2 1 
ATOM   248 N N   . THR A 1 32 ? -1.621  -4.120  -3.056  1.00 19.53 ? 32  THR A N   1 
ATOM   249 C CA  . THR A 1 32 ? -2.148  -4.999  -4.099  1.00 22.97 ? 32  THR A CA  1 
ATOM   250 C C   . THR A 1 32 ? -1.051  -5.319  -5.110  1.00 24.91 ? 32  THR A C   1 
ATOM   251 O O   . THR A 1 32 ? -0.831  -6.474  -5.439  1.00 27.94 ? 32  THR A O   1 
ATOM   252 C CB  . THR A 1 32 ? -3.407  -4.366  -4.783  1.00 20.72 ? 32  THR A CB  1 
ATOM   253 O OG1 . THR A 1 32 ? -4.480  -4.294  -3.830  1.00 17.70 ? 32  THR A OG1 1 
ATOM   254 C CG2 . THR A 1 32 ? -3.868  -5.187  -5.982  1.00 17.50 ? 32  THR A CG2 1 
ATOM   255 N N   . GLU A 1 33 ? -0.324  -4.291  -5.535  1.00 24.46 ? 33  GLU A N   1 
ATOM   256 C CA  . GLU A 1 33 ? 0.768   -4.437  -6.491  1.00 23.01 ? 33  GLU A CA  1 
ATOM   257 C C   . GLU A 1 33 ? 1.854   -5.363  -5.948  1.00 20.11 ? 33  GLU A C   1 
ATOM   258 O O   . GLU A 1 33 ? 2.444   -6.138  -6.689  1.00 17.48 ? 33  GLU A O   1 
ATOM   259 C CB  . GLU A 1 33 ? 1.365   -3.062  -6.792  1.00 22.60 ? 33  GLU A CB  1 
ATOM   260 C CG  . GLU A 1 33 ? 2.566   -3.061  -7.731  1.00 24.68 ? 33  GLU A CG  1 
ATOM   261 C CD  . GLU A 1 33 ? 2.200   -2.934  -9.194  1.00 32.12 ? 33  GLU A CD  1 
ATOM   262 O OE1 . GLU A 1 33 ? 0.996   -2.855  -9.523  1.00 32.22 ? 33  GLU A OE1 1 
ATOM   263 O OE2 . GLU A 1 33 ? 3.138   -2.898  -10.018 1.00 39.31 ? 33  GLU A OE2 1 
ATOM   264 N N   . GLN A 1 34 ? 2.131   -5.271  -4.654  1.00 22.61 ? 34  GLN A N   1 
ATOM   265 C CA  . GLN A 1 34 ? 3.155   -6.118  -4.045  1.00 24.17 ? 34  GLN A CA  1 
ATOM   266 C C   . GLN A 1 34 ? 2.631   -7.545  -3.866  1.00 22.25 ? 34  GLN A C   1 
ATOM   267 O O   . GLN A 1 34 ? 3.358   -8.512  -4.077  1.00 24.26 ? 34  GLN A O   1 
ATOM   268 C CB  . GLN A 1 34 ? 3.598   -5.541  -2.705  1.00 21.01 ? 34  GLN A CB  1 
ATOM   269 C CG  . GLN A 1 34 ? 4.148   -4.140  -2.808  1.00 23.03 ? 34  GLN A CG  1 
ATOM   270 C CD  . GLN A 1 34 ? 4.440   -3.535  -1.455  1.00 29.57 ? 34  GLN A CD  1 
ATOM   271 O OE1 . GLN A 1 34 ? 5.579   -3.200  -1.152  1.00 37.60 ? 34  GLN A OE1 1 
ATOM   272 N NE2 . GLN A 1 34 ? 3.414   -3.405  -0.631  1.00 20.58 ? 34  GLN A NE2 1 
ATOM   273 N N   . ILE A 1 35 ? 1.352   -7.662  -3.521  1.00 19.36 ? 35  ILE A N   1 
ATOM   274 C CA  . ILE A 1 35 ? 0.718   -8.959  -3.323  1.00 20.78 ? 35  ILE A CA  1 
ATOM   275 C C   . ILE A 1 35 ? 0.630   -9.696  -4.658  1.00 20.73 ? 35  ILE A C   1 
ATOM   276 O O   . ILE A 1 35 ? 0.822   -10.899 -4.711  1.00 22.05 ? 35  ILE A O   1 
ATOM   277 C CB  . ILE A 1 35 ? -0.689  -8.786  -2.696  1.00 18.85 ? 35  ILE A CB  1 
ATOM   278 C CG1 . ILE A 1 35 ? -0.555  -8.238  -1.270  1.00 21.85 ? 35  ILE A CG1 1 
ATOM   279 C CG2 . ILE A 1 35 ? -1.442  -10.106 -2.683  1.00 19.22 ? 35  ILE A CG2 1 
ATOM   280 C CD1 . ILE A 1 35 ? -1.830  -7.649  -0.683  1.00 15.84 ? 35  ILE A CD1 1 
ATOM   281 N N   . ASN A 1 36 ? 0.376   -8.950  -5.734  1.00 22.53 ? 36  ASN A N   1 
ATOM   282 C CA  . ASN A 1 36 ? 0.265   -9.503  -7.086  1.00 23.54 ? 36  ASN A CA  1 
ATOM   283 C C   . ASN A 1 36 ? 1.625   -9.913  -7.605  1.00 22.93 ? 36  ASN A C   1 
ATOM   284 O O   . ASN A 1 36 ? 1.753   -10.936 -8.268  1.00 23.87 ? 36  ASN A O   1 
ATOM   285 C CB  . ASN A 1 36 ? -0.351  -8.485  -8.054  1.00 19.09 ? 36  ASN A CB  1 
ATOM   286 C CG  . ASN A 1 36 ? -1.838  -8.254  -7.809  1.00 18.17 ? 36  ASN A CG  1 
ATOM   287 O OD1 . ASN A 1 36 ? -2.471  -7.466  -8.510  1.00 20.71 ? 36  ASN A OD1 1 
ATOM   288 N ND2 . ASN A 1 36 ? -2.400  -8.934  -6.819  1.00 19.01 ? 36  ASN A ND2 1 
ATOM   289 N N   . ASN A 1 37 ? 2.634   -9.093  -7.322  1.00 24.40 ? 37  ASN A N   1 
ATOM   290 C CA  . ASN A 1 37 ? 3.997   -9.382  -7.753  1.00 28.70 ? 37  ASN A CA  1 
ATOM   291 C C   . ASN A 1 37 ? 4.531   -10.614 -7.034  1.00 27.91 ? 37  ASN A C   1 
ATOM   292 O O   . ASN A 1 37 ? 5.079   -11.517 -7.659  1.00 29.97 ? 37  ASN A O   1 
ATOM   293 C CB  . ASN A 1 37 ? 4.920   -8.180  -7.510  1.00 31.83 ? 37  ASN A CB  1 
ATOM   294 C CG  . ASN A 1 37 ? 4.701   -7.054  -8.521  1.00 35.81 ? 37  ASN A CG  1 
ATOM   295 O OD1 . ASN A 1 37 ? 4.194   -7.278  -9.622  1.00 30.51 ? 37  ASN A OD1 1 
ATOM   296 N ND2 . ASN A 1 37 ? 5.079   -5.835  -8.143  1.00 35.21 ? 37  ASN A ND2 1 
ATOM   297 N N   . LEU A 1 38 ? 4.331   -10.658 -5.722  1.00 29.92 ? 38  LEU A N   1 
ATOM   298 C CA  . LEU A 1 38 ? 4.785   -11.778 -4.900  1.00 25.71 ? 38  LEU A CA  1 
ATOM   299 C C   . LEU A 1 38 ? 4.086   -13.091 -5.266  1.00 23.40 ? 38  LEU A C   1 
ATOM   300 O O   . LEU A 1 38 ? 4.696   -14.160 -5.200  1.00 27.69 ? 38  LEU A O   1 
ATOM   301 C CB  . LEU A 1 38 ? 4.588   -11.454 -3.421  1.00 20.64 ? 38  LEU A CB  1 
ATOM   302 C CG  . LEU A 1 38 ? 5.192   -12.427 -2.416  1.00 24.88 ? 38  LEU A CG  1 
ATOM   303 C CD1 . LEU A 1 38 ? 6.650   -12.720 -2.747  1.00 27.19 ? 38  LEU A CD1 1 
ATOM   304 C CD2 . LEU A 1 38 ? 5.063   -11.832 -1.040  1.00 23.55 ? 38  LEU A CD2 1 
ATOM   305 N N   . ASN A 1 39 ? 2.821   -13.012 -5.668  1.00 19.04 ? 39  ASN A N   1 
ATOM   306 C CA  . ASN A 1 39 ? 2.085   -14.208 -6.064  1.00 21.34 ? 39  ASN A CA  1 
ATOM   307 C C   . ASN A 1 39 ? 2.536   -14.732 -7.430  1.00 22.58 ? 39  ASN A C   1 
ATOM   308 O O   . ASN A 1 39 ? 2.496   -15.939 -7.677  1.00 21.79 ? 39  ASN A O   1 
ATOM   309 C CB  . ASN A 1 39 ? 0.572   -13.957 -6.055  1.00 21.73 ? 39  ASN A CB  1 
ATOM   310 C CG  . ASN A 1 39 ? -0.081  -14.317 -4.719  1.00 27.44 ? 39  ASN A CG  1 
ATOM   311 O OD1 . ASN A 1 39 ? -0.967  -13.603 -4.236  1.00 29.22 ? 39  ASN A OD1 1 
ATOM   312 N ND2 . ASN A 1 39 ? 0.349   -15.428 -4.122  1.00 17.55 ? 39  ASN A ND2 1 
ATOM   313 N N   . GLU A 1 40 ? 2.938   -13.819 -8.320  1.00 26.41 ? 40  GLU A N   1 
ATOM   314 C CA  . GLU A 1 40 ? 3.425   -14.196 -9.649  1.00 27.93 ? 40  GLU A CA  1 
ATOM   315 C C   . GLU A 1 40 ? 4.832   -14.773 -9.462  1.00 31.40 ? 40  GLU A C   1 
ATOM   316 O O   . GLU A 1 40 ? 5.302   -15.579 -10.266 1.00 35.28 ? 40  GLU A O   1 
ATOM   317 C CB  . GLU A 1 40 ? 3.449   -12.988 -10.596 1.00 26.71 ? 40  GLU A CB  1 
ATOM   318 C CG  . GLU A 1 40 ? 4.701   -12.128 -10.519 1.00 41.26 ? 40  GLU A CG  1 
ATOM   319 C CD  . GLU A 1 40 ? 4.549   -10.771 -11.198 1.00 49.90 ? 40  GLU A CD  1 
ATOM   320 O OE1 . GLU A 1 40 ? 3.500   -10.116 -11.005 1.00 54.64 ? 40  GLU A OE1 1 
ATOM   321 O OE2 . GLU A 1 40 ? 5.493   -10.341 -11.900 1.00 52.76 ? 40  GLU A OE2 1 
ATOM   322 N N   . HIS A 1 41 ? 5.495   -14.358 -8.384  1.00 28.62 ? 41  HIS A N   1 
ATOM   323 C CA  . HIS A 1 41 ? 6.828   -14.852 -8.061  1.00 28.98 ? 41  HIS A CA  1 
ATOM   324 C C   . HIS A 1 41 ? 6.771   -16.288 -7.508  1.00 30.00 ? 41  HIS A C   1 
ATOM   325 O O   . HIS A 1 41 ? 7.561   -17.151 -7.903  1.00 28.09 ? 41  HIS A O   1 
ATOM   326 C CB  . HIS A 1 41 ? 7.501   -13.940 -7.047  1.00 27.51 ? 41  HIS A CB  1 
ATOM   327 C CG  . HIS A 1 41 ? 8.800   -14.473 -6.544  1.00 33.00 ? 41  HIS A CG  1 
ATOM   328 N ND1 . HIS A 1 41 ? 8.888   -15.286 -5.434  1.00 38.18 ? 41  HIS A ND1 1 
ATOM   329 C CD2 . HIS A 1 41 ? 10.065  -14.325 -7.002  1.00 33.43 ? 41  HIS A CD2 1 
ATOM   330 C CE1 . HIS A 1 41 ? 10.151  -15.611 -5.227  1.00 38.19 ? 41  HIS A CE1 1 
ATOM   331 N NE2 . HIS A 1 41 ? 10.885  -15.041 -6.166  1.00 35.07 ? 41  HIS A NE2 1 
ATOM   332 N N   . LEU A 1 42 ? 5.847   -16.521 -6.574  1.00 26.62 ? 42  LEU A N   1 
ATOM   333 C CA  . LEU A 1 42 ? 5.659   -17.843 -5.972  1.00 27.50 ? 42  LEU A CA  1 
ATOM   334 C C   . LEU A 1 42 ? 5.103   -18.813 -7.006  1.00 29.51 ? 42  LEU A C   1 
ATOM   335 O O   . LEU A 1 42 ? 5.198   -20.032 -6.851  1.00 33.46 ? 42  LEU A O   1 
ATOM   336 C CB  . LEU A 1 42 ? 4.687   -17.764 -4.792  1.00 23.19 ? 42  LEU A CB  1 
ATOM   337 C CG  . LEU A 1 42 ? 5.150   -17.532 -3.342  1.00 31.33 ? 42  LEU A CG  1 
ATOM   338 C CD1 . LEU A 1 42 ? 6.663   -17.392 -3.218  1.00 18.41 ? 42  LEU A CD1 1 
ATOM   339 C CD2 . LEU A 1 42 ? 4.417   -16.326 -2.772  1.00 25.03 ? 42  LEU A CD2 1 
ATOM   340 N N   . ARG A 1 43 ? 4.510   -18.259 -8.057  1.00 28.16 ? 43  ARG A N   1 
ATOM   341 C CA  . ARG A 1 43 ? 3.926   -19.046 -9.129  1.00 28.13 ? 43  ARG A CA  1 
ATOM   342 C C   . ARG A 1 43 ? 5.024   -19.853 -9.803  1.00 29.73 ? 43  ARG A C   1 
ATOM   343 O O   . ARG A 1 43 ? 4.838   -21.030 -10.117 1.00 31.94 ? 43  ARG A O   1 
ATOM   344 C CB  . ARG A 1 43 ? 3.264   -18.113 -10.138 1.00 28.58 ? 43  ARG A CB  1 
ATOM   345 C CG  . ARG A 1 43 ? 2.330   -18.780 -11.114 1.00 34.88 ? 43  ARG A CG  1 
ATOM   346 C CD  . ARG A 1 43 ? 0.867   -18.437 -10.825 1.00 39.54 ? 43  ARG A CD  1 
ATOM   347 N NE  . ARG A 1 43 ? 0.499   -17.071 -11.200 1.00 44.02 ? 43  ARG A NE  1 
ATOM   348 C CZ  . ARG A 1 43 ? -0.447  -16.761 -12.084 1.00 44.69 ? 43  ARG A CZ  1 
ATOM   349 N NH1 . ARG A 1 43 ? -1.138  -17.715 -12.697 1.00 42.37 ? 43  ARG A NH1 1 
ATOM   350 N NH2 . ARG A 1 43 ? -0.704  -15.489 -12.355 1.00 48.00 ? 43  ARG A NH2 1 
ATOM   351 N N   . VAL A 1 44 ? 6.188   -19.231 -9.975  1.00 34.03 ? 44  VAL A N   1 
ATOM   352 C CA  . VAL A 1 44 ? 7.318   -19.894 -10.625 1.00 37.69 ? 44  VAL A CA  1 
ATOM   353 C C   . VAL A 1 44 ? 8.388   -20.373 -9.649  1.00 39.25 ? 44  VAL A C   1 
ATOM   354 O O   . VAL A 1 44 ? 9.402   -20.934 -10.060 1.00 43.86 ? 44  VAL A O   1 
ATOM   355 C CB  . VAL A 1 44 ? 7.952   -19.005 -11.736 1.00 34.24 ? 44  VAL A CB  1 
ATOM   356 C CG1 . VAL A 1 44 ? 6.913   -18.664 -12.795 1.00 30.18 ? 44  VAL A CG1 1 
ATOM   357 C CG2 . VAL A 1 44 ? 8.527   -17.725 -11.143 1.00 38.86 ? 44  VAL A CG2 1 
ATOM   358 N N   . HIS A 1 45 ? 8.152   -20.149 -8.359  1.00 37.93 ? 45  HIS A N   1 
ATOM   359 C CA  . HIS A 1 45 ? 9.071   -20.574 -7.303  1.00 35.91 ? 45  HIS A CA  1 
ATOM   360 C C   . HIS A 1 45 ? 8.300   -21.356 -6.231  1.00 38.36 ? 45  HIS A C   1 
ATOM   361 O O   . HIS A 1 45 ? 8.318   -20.997 -5.054  1.00 41.49 ? 45  HIS A O   1 
ATOM   362 C CB  . HIS A 1 45 ? 9.766   -19.359 -6.670  1.00 31.98 ? 45  HIS A CB  1 
ATOM   363 C CG  . HIS A 1 45 ? 10.790  -18.719 -7.554  1.00 29.37 ? 45  HIS A CG  1 
ATOM   364 N ND1 . HIS A 1 45 ? 10.454  -17.978 -8.668  1.00 31.39 ? 45  HIS A ND1 1 
ATOM   365 C CD2 . HIS A 1 45 ? 12.143  -18.738 -7.512  1.00 25.89 ? 45  HIS A CD2 1 
ATOM   366 C CE1 . HIS A 1 45 ? 11.556  -17.575 -9.277  1.00 24.88 ? 45  HIS A CE1 1 
ATOM   367 N NE2 . HIS A 1 45 ? 12.593  -18.022 -8.595  1.00 22.89 ? 45  HIS A NE2 1 
ATOM   368 N N   . LYS A 1 46 ? 7.644   -22.438 -6.646  1.00 37.63 ? 46  LYS A N   1 
ATOM   369 C CA  . LYS A 1 46 ? 6.843   -23.269 -5.742  1.00 39.03 ? 46  LYS A CA  1 
ATOM   370 C C   . LYS A 1 46 ? 7.571   -23.786 -4.495  1.00 36.89 ? 46  LYS A C   1 
ATOM   371 O O   . LYS A 1 46 ? 6.933   -24.109 -3.493  1.00 37.30 ? 46  LYS A O   1 
ATOM   372 C CB  . LYS A 1 46 ? 6.271   -24.467 -6.500  1.00 40.34 ? 46  LYS A CB  1 
ATOM   373 C CG  . LYS A 1 46 ? 5.477   -24.131 -7.746  1.00 41.95 ? 46  LYS A CG  1 
ATOM   374 C CD  . LYS A 1 46 ? 5.267   -25.393 -8.574  1.00 46.93 ? 46  LYS A CD  1 
ATOM   375 C CE  . LYS A 1 46 ? 4.622   -25.096 -9.923  1.00 48.74 ? 46  LYS A CE  1 
ATOM   376 N NZ  . LYS A 1 46 ? 5.332   -24.024 -10.675 1.00 57.73 ? 46  LYS A NZ  1 
ATOM   377 N N   . LYS A 1 47 ? 8.893   -23.900 -4.576  1.00 36.04 ? 47  LYS A N   1 
ATOM   378 C CA  . LYS A 1 47 ? 9.711   -24.393 -3.464  1.00 38.60 ? 47  LYS A CA  1 
ATOM   379 C C   . LYS A 1 47 ? 9.968   -23.396 -2.330  1.00 36.00 ? 47  LYS A C   1 
ATOM   380 O O   . LYS A 1 47 ? 10.417  -23.777 -1.246  1.00 34.33 ? 47  LYS A O   1 
ATOM   381 C CB  . LYS A 1 47 ? 11.041  -24.958 -3.983  1.00 41.78 ? 47  LYS A CB  1 
ATOM   382 C CG  . LYS A 1 47 ? 11.626  -24.268 -5.224  1.00 49.10 ? 47  LYS A CG  1 
ATOM   383 C CD  . LYS A 1 47 ? 11.876  -22.778 -5.032  1.00 46.10 ? 47  LYS A CD  1 
ATOM   384 C CE  . LYS A 1 47 ? 12.643  -22.212 -6.209  1.00 50.84 ? 47  LYS A CE  1 
ATOM   385 N NZ  . LYS A 1 47 ? 12.008  -22.574 -7.508  1.00 52.17 ? 47  LYS A NZ  1 
ATOM   386 N N   . ASP A 1 48 ? 9.679   -22.125 -2.592  1.00 38.76 ? 48  ASP A N   1 
ATOM   387 C CA  . ASP A 1 48 ? 9.856   -21.043 -1.617  1.00 41.09 ? 48  ASP A CA  1 
ATOM   388 C C   . ASP A 1 48 ? 9.146   -21.329 -0.287  1.00 43.68 ? 48  ASP A C   1 
ATOM   389 O O   . ASP A 1 48 ? 8.131   -22.042 -0.245  1.00 38.31 ? 48  ASP A O   1 
ATOM   390 C CB  . ASP A 1 48 ? 9.331   -19.731 -2.219  1.00 42.09 ? 48  ASP A CB  1 
ATOM   391 C CG  . ASP A 1 48 ? 9.434   -18.549 -1.265  1.00 42.23 ? 48  ASP A CG  1 
ATOM   392 O OD1 . ASP A 1 48 ? 8.681   -18.509 -0.270  1.00 36.71 ? 48  ASP A OD1 1 
ATOM   393 O OD2 . ASP A 1 48 ? 10.242  -17.635 -1.533  1.00 42.11 ? 48  ASP A OD2 1 
ATOM   394 N N   . HIS A 1 49 ? 9.682   -20.741 0.784   1.00 46.51 ? 49  HIS A N   1 
ATOM   395 C CA  . HIS A 1 49 ? 9.136   -20.883 2.136   1.00 49.40 ? 49  HIS A CA  1 
ATOM   396 C C   . HIS A 1 49 ? 9.208   -19.563 2.888   1.00 46.50 ? 49  HIS A C   1 
ATOM   397 O O   . HIS A 1 49 ? 8.356   -19.269 3.726   1.00 48.05 ? 49  HIS A O   1 
ATOM   398 C CB  . HIS A 1 49 ? 9.924   -21.925 2.931   1.00 53.56 ? 49  HIS A CB  1 
ATOM   399 C CG  . HIS A 1 49 ? 9.261   -23.262 3.013   1.00 53.27 ? 49  HIS A CG  1 
ATOM   400 N ND1 . HIS A 1 49 ? 7.892   -23.413 3.061   1.00 54.98 ? 49  HIS A ND1 1 
ATOM   401 C CD2 . HIS A 1 49 ? 9.780   -24.510 3.077   1.00 53.00 ? 49  HIS A CD2 1 
ATOM   402 C CE1 . HIS A 1 49 ? 7.596   -24.696 3.152   1.00 59.08 ? 49  HIS A CE1 1 
ATOM   403 N NE2 . HIS A 1 49 ? 8.724   -25.384 3.165   1.00 56.88 ? 49  HIS A NE2 1 
ATOM   404 N N   . HIS A 1 50 ? 10.239  -18.780 2.588   1.00 45.62 ? 50  HIS A N   1 
ATOM   405 C CA  . HIS A 1 50 ? 10.460  -17.493 3.248   1.00 47.52 ? 50  HIS A CA  1 
ATOM   406 C C   . HIS A 1 50 ? 9.481   -16.375 2.895   1.00 47.20 ? 50  HIS A C   1 
ATOM   407 O O   . HIS A 1 50 ? 9.121   -15.580 3.759   1.00 51.02 ? 50  HIS A O   1 
ATOM   408 C CB  . HIS A 1 50 ? 11.909  -17.025 3.031   1.00 48.35 ? 50  HIS A CB  1 
ATOM   409 C CG  . HIS A 1 50 ? 12.364  -17.093 1.606   1.00 44.50 ? 50  HIS A CG  1 
ATOM   410 N ND1 . HIS A 1 50 ? 12.612  -18.285 0.962   1.00 43.78 ? 50  HIS A ND1 1 
ATOM   411 C CD2 . HIS A 1 50 ? 12.620  -16.117 0.705   1.00 43.58 ? 50  HIS A CD2 1 
ATOM   412 C CE1 . HIS A 1 50 ? 13.003  -18.043 -0.275  1.00 43.10 ? 50  HIS A CE1 1 
ATOM   413 N NE2 . HIS A 1 50 ? 13.016  -16.735 -0.457  1.00 45.07 ? 50  HIS A NE2 1 
ATOM   414 N N   . SER A 1 51 ? 9.066   -16.315 1.631   1.00 42.02 ? 51  SER A N   1 
ATOM   415 C CA  . SER A 1 51 ? 8.135   -15.295 1.155   1.00 34.76 ? 51  SER A CA  1 
ATOM   416 C C   . SER A 1 51 ? 6.684   -15.550 1.559   1.00 35.84 ? 51  SER A C   1 
ATOM   417 O O   . SER A 1 51 ? 5.828   -14.686 1.366   1.00 38.97 ? 51  SER A O   1 
ATOM   418 C CB  . SER A 1 51 ? 8.195   -15.188 -0.370  1.00 30.81 ? 51  SER A CB  1 
ATOM   419 O OG  . SER A 1 51 ? 9.505   -14.914 -0.831  1.00 43.14 ? 51  SER A OG  1 
ATOM   420 N N   . ARG A 1 52 ? 6.404   -16.728 2.110   1.00 31.91 ? 52  ARG A N   1 
ATOM   421 C CA  . ARG A 1 52 ? 5.043   -17.075 2.503   1.00 33.65 ? 52  ARG A CA  1 
ATOM   422 C C   . ARG A 1 52 ? 4.509   -16.198 3.633   1.00 34.71 ? 52  ARG A C   1 
ATOM   423 O O   . ARG A 1 52 ? 3.394   -15.673 3.546   1.00 31.74 ? 52  ARG A O   1 
ATOM   424 C CB  . ARG A 1 52 ? 4.948   -18.554 2.905   1.00 32.23 ? 52  ARG A CB  1 
ATOM   425 C CG  . ARG A 1 52 ? 5.515   -19.521 1.883   1.00 32.50 ? 52  ARG A CG  1 
ATOM   426 C CD  . ARG A 1 52 ? 4.833   -19.429 0.520   1.00 25.32 ? 52  ARG A CD  1 
ATOM   427 N NE  . ARG A 1 52 ? 5.603   -20.160 -0.488  1.00 31.93 ? 52  ARG A NE  1 
ATOM   428 C CZ  . ARG A 1 52 ? 5.076   -20.795 -1.536  1.00 34.48 ? 52  ARG A CZ  1 
ATOM   429 N NH1 . ARG A 1 52 ? 3.761   -20.797 -1.733  1.00 33.84 ? 52  ARG A NH1 1 
ATOM   430 N NH2 . ARG A 1 52 ? 5.868   -21.437 -2.384  1.00 31.94 ? 52  ARG A NH2 1 
ATOM   431 N N   . ARG A 1 53 ? 5.309   -16.046 4.687   1.00 35.53 ? 53  ARG A N   1 
ATOM   432 C CA  . ARG A 1 53 ? 4.926   -15.247 5.845   1.00 36.34 ? 53  ARG A CA  1 
ATOM   433 C C   . ARG A 1 53 ? 4.683   -13.796 5.449   1.00 32.26 ? 53  ARG A C   1 
ATOM   434 O O   . ARG A 1 53 ? 3.678   -13.192 5.842   1.00 32.51 ? 53  ARG A O   1 
ATOM   435 C CB  . ARG A 1 53 ? 6.011   -15.310 6.924   1.00 43.61 ? 53  ARG A CB  1 
ATOM   436 C CG  . ARG A 1 53 ? 6.340   -16.711 7.426   1.00 54.71 ? 53  ARG A CG  1 
ATOM   437 C CD  . ARG A 1 53 ? 7.567   -17.296 6.721   1.00 64.64 ? 53  ARG A CD  1 
ATOM   438 N NE  . ARG A 1 53 ? 7.849   -18.667 7.151   1.00 72.43 ? 53  ARG A NE  1 
ATOM   439 C CZ  . ARG A 1 53 ? 8.982   -19.315 6.897   1.00 75.99 ? 53  ARG A CZ  1 
ATOM   440 N NH1 . ARG A 1 53 ? 9.954   -18.724 6.216   1.00 76.46 ? 53  ARG A NH1 1 
ATOM   441 N NH2 . ARG A 1 53 ? 9.137   -20.566 7.307   1.00 81.06 ? 53  ARG A NH2 1 
ATOM   442 N N   . GLY A 1 54 ? 5.594   -13.262 4.640   1.00 27.46 ? 54  GLY A N   1 
ATOM   443 C CA  . GLY A 1 54 ? 5.484   -11.885 4.192   1.00 26.13 ? 54  GLY A CA  1 
ATOM   444 C C   . GLY A 1 54 ? 4.214   -11.588 3.425   1.00 27.01 ? 54  GLY A C   1 
ATOM   445 O O   . GLY A 1 54 ? 3.606   -10.533 3.608   1.00 23.85 ? 54  GLY A O   1 
ATOM   446 N N   . LEU A 1 55 ? 3.822   -12.521 2.559   1.00 27.12 ? 55  LEU A N   1 
ATOM   447 C CA  . LEU A 1 55 ? 2.616   -12.382 1.750   1.00 26.58 ? 55  LEU A CA  1 
ATOM   448 C C   . LEU A 1 55 ? 1.378   -12.361 2.643   1.00 26.31 ? 55  LEU A C   1 
ATOM   449 O O   . LEU A 1 55 ? 0.480   -11.550 2.448   1.00 26.89 ? 55  LEU A O   1 
ATOM   450 C CB  . LEU A 1 55 ? 2.546   -13.523 0.722   1.00 27.85 ? 55  LEU A CB  1 
ATOM   451 C CG  . LEU A 1 55 ? 1.364   -13.709 -0.237  1.00 20.67 ? 55  LEU A CG  1 
ATOM   452 C CD1 . LEU A 1 55 ? 0.261   -14.497 0.442   1.00 30.91 ? 55  LEU A CD1 1 
ATOM   453 C CD2 . LEU A 1 55 ? 0.854   -12.376 -0.761  1.00 18.41 ? 55  LEU A CD2 1 
ATOM   454 N N   . LEU A 1 56 ? 1.362   -13.216 3.658   1.00 27.42 ? 56  LEU A N   1 
ATOM   455 C CA  . LEU A 1 56 ? 0.235   -13.286 4.571   1.00 30.02 ? 56  LEU A CA  1 
ATOM   456 C C   . LEU A 1 56 ? 0.063   -11.983 5.345   1.00 29.39 ? 56  LEU A C   1 
ATOM   457 O O   . LEU A 1 56 ? -1.061  -11.541 5.573   1.00 27.01 ? 56  LEU A O   1 
ATOM   458 C CB  . LEU A 1 56 ? 0.392   -14.474 5.519   1.00 32.61 ? 56  LEU A CB  1 
ATOM   459 C CG  . LEU A 1 56 ? 0.357   -15.848 4.832   1.00 40.50 ? 56  LEU A CG  1 
ATOM   460 C CD1 . LEU A 1 56 ? 0.497   -16.957 5.870   1.00 44.54 ? 56  LEU A CD1 1 
ATOM   461 C CD2 . LEU A 1 56 ? -0.946  -16.004 4.037   1.00 37.62 ? 56  LEU A CD2 1 
ATOM   462 N N   . LYS A 1 57 ? 1.177   -11.363 5.728   1.00 31.79 ? 57  LYS A N   1 
ATOM   463 C CA  . LYS A 1 57 ? 1.137   -10.093 6.457   1.00 30.56 ? 57  LYS A CA  1 
ATOM   464 C C   . LYS A 1 57 ? 0.543   -8.984  5.585   1.00 27.62 ? 57  LYS A C   1 
ATOM   465 O O   . LYS A 1 57 ? -0.258  -8.176  6.059   1.00 20.81 ? 57  LYS A O   1 
ATOM   466 C CB  . LYS A 1 57 ? 2.543   -9.682  6.907   1.00 34.33 ? 57  LYS A CB  1 
ATOM   467 C CG  . LYS A 1 57 ? 3.054   -10.391 8.150   1.00 41.43 ? 57  LYS A CG  1 
ATOM   468 C CD  . LYS A 1 57 ? 4.473   -9.932  8.466   1.00 43.78 ? 57  LYS A CD  1 
ATOM   469 C CE  . LYS A 1 57 ? 4.997   -10.577 9.741   1.00 50.01 ? 57  LYS A CE  1 
ATOM   470 N NZ  . LYS A 1 57 ? 4.209   -10.180 10.947  1.00 53.41 ? 57  LYS A NZ  1 
ATOM   471 N N   . MET A 1 58 ? 0.947   -8.947  4.316   1.00 23.70 ? 58  MET A N   1 
ATOM   472 C CA  . MET A 1 58 ? 0.453   -7.935  3.382   1.00 22.98 ? 58  MET A CA  1 
ATOM   473 C C   . MET A 1 58 ? -1.033  -8.118  3.111   1.00 19.15 ? 58  MET A C   1 
ATOM   474 O O   . MET A 1 58 ? -1.772  -7.142  2.996   1.00 19.01 ? 58  MET A O   1 
ATOM   475 C CB  . MET A 1 58 ? 1.232   -7.968  2.068   1.00 20.36 ? 58  MET A CB  1 
ATOM   476 C CG  . MET A 1 58 ? 2.651   -7.417  2.154   1.00 32.27 ? 58  MET A CG  1 
ATOM   477 S SD  . MET A 1 58 ? 3.402   -7.188  0.514   1.00 35.25 ? 58  MET A SD  1 
ATOM   478 C CE  . MET A 1 58 ? 3.712   -8.885  0.057   1.00 22.10 ? 58  MET A CE  1 
ATOM   479 N N   . VAL A 1 59 ? -1.466  -9.369  2.992   1.00 12.89 ? 59  VAL A N   1 
ATOM   480 C CA  . VAL A 1 59 ? -2.874  -9.648  2.763   1.00 14.94 ? 59  VAL A CA  1 
ATOM   481 C C   . VAL A 1 59 ? -3.692  -9.177  3.965   1.00 16.05 ? 59  VAL A C   1 
ATOM   482 O O   . VAL A 1 59 ? -4.748  -8.573  3.791   1.00 20.83 ? 59  VAL A O   1 
ATOM   483 C CB  . VAL A 1 59 ? -3.140  -11.158 2.501   1.00 17.12 ? 59  VAL A CB  1 
ATOM   484 C CG1 . VAL A 1 59 ? -4.634  -11.429 2.448   1.00 14.47 ? 59  VAL A CG1 1 
ATOM   485 C CG2 . VAL A 1 59 ? -2.503  -11.581 1.196   1.00 19.81 ? 59  VAL A CG2 1 
ATOM   486 N N   . GLY A 1 60 ? -3.186  -9.432  5.174   1.00 18.59 ? 60  GLY A N   1 
ATOM   487 C CA  . GLY A 1 60 ? -3.883  -9.024  6.389   1.00 18.07 ? 60  GLY A CA  1 
ATOM   488 C C   . GLY A 1 60 ? -3.938  -7.517  6.562   1.00 17.87 ? 60  GLY A C   1 
ATOM   489 O O   . GLY A 1 60 ? -4.965  -6.950  6.965   1.00 16.30 ? 60  GLY A O   1 
ATOM   490 N N   . LYS A 1 61 ? -2.818  -6.862  6.283   1.00 17.22 ? 61  LYS A N   1 
ATOM   491 C CA  . LYS A 1 61 ? -2.754  -5.412  6.369   1.00 17.69 ? 61  LYS A CA  1 
ATOM   492 C C   . LYS A 1 61 ? -3.706  -4.764  5.348   1.00 19.16 ? 61  LYS A C   1 
ATOM   493 O O   . LYS A 1 61 ? -4.258  -3.699  5.606   1.00 18.92 ? 61  LYS A O   1 
ATOM   494 C CB  . LYS A 1 61 ? -1.318  -4.928  6.155   1.00 20.26 ? 61  LYS A CB  1 
ATOM   495 C CG  . LYS A 1 61 ? -1.193  -3.416  6.085   1.00 29.64 ? 61  LYS A CG  1 
ATOM   496 C CD  . LYS A 1 61 ? 0.250   -2.971  6.059   1.00 25.07 ? 61  LYS A CD  1 
ATOM   497 C CE  . LYS A 1 61 ? 0.336   -1.465  6.010   1.00 24.60 ? 61  LYS A CE  1 
ATOM   498 N NZ  . LYS A 1 61 ? 1.746   -1.024  6.050   1.00 22.95 ? 61  LYS A NZ  1 
ATOM   499 N N   . ARG A 1 62 ? -3.924  -5.428  4.212   1.00 17.53 ? 62  ARG A N   1 
ATOM   500 C CA  . ARG A 1 62 ? -4.824  -4.894  3.190   1.00 14.84 ? 62  ARG A CA  1 
ATOM   501 C C   . ARG A 1 62 ? -6.293  -5.080  3.557   1.00 15.78 ? 62  ARG A C   1 
ATOM   502 O O   . ARG A 1 62 ? -7.125  -4.250  3.193   1.00 14.03 ? 62  ARG A O   1 
ATOM   503 C CB  . ARG A 1 62 ? -4.536  -5.493  1.809   1.00 13.55 ? 62  ARG A CB  1 
ATOM   504 C CG  . ARG A 1 62 ? -5.287  -4.787  0.672   1.00 18.86 ? 62  ARG A CG  1 
ATOM   505 C CD  . ARG A 1 62 ? -4.926  -5.335  -0.709  1.00 19.66 ? 62  ARG A CD  1 
ATOM   506 N NE  . ARG A 1 62 ? -5.221  -6.764  -0.834  1.00 13.12 ? 62  ARG A NE  1 
ATOM   507 C CZ  . ARG A 1 62 ? -5.164  -7.436  -1.978  1.00 18.86 ? 62  ARG A CZ  1 
ATOM   508 N NH1 . ARG A 1 62 ? -4.826  -6.817  -3.099  1.00 18.88 ? 62  ARG A NH1 1 
ATOM   509 N NH2 . ARG A 1 62 ? -5.439  -8.731  -2.005  1.00 23.05 ? 62  ARG A NH2 1 
ATOM   510 N N   . ARG A 1 63 ? -6.611  -6.169  4.253   1.00 15.80 ? 63  ARG A N   1 
ATOM   511 C CA  . ARG A 1 63 ? -7.982  -6.447  4.705   1.00 17.28 ? 63  ARG A CA  1 
ATOM   512 C C   . ARG A 1 63 ? -8.382  -5.357  5.694   1.00 15.97 ? 63  ARG A C   1 
ATOM   513 O O   . ARG A 1 63 ? -9.523  -4.883  5.716   1.00 12.64 ? 63  ARG A O   1 
ATOM   514 C CB  . ARG A 1 63 ? -8.042  -7.781  5.459   1.00 23.84 ? 63  ARG A CB  1 
ATOM   515 C CG  . ARG A 1 63 ? -7.832  -9.016  4.617   1.00 30.51 ? 63  ARG A CG  1 
ATOM   516 C CD  . ARG A 1 63 ? -7.828  -10.281 5.479   1.00 35.06 ? 63  ARG A CD  1 
ATOM   517 N NE  . ARG A 1 63 ? -7.938  -11.473 4.647   1.00 41.30 ? 63  ARG A NE  1 
ATOM   518 C CZ  . ARG A 1 63 ? -7.180  -12.558 4.769   1.00 39.06 ? 63  ARG A CZ  1 
ATOM   519 N NH1 . ARG A 1 63 ? -6.234  -12.611 5.698   1.00 41.89 ? 63  ARG A NH1 1 
ATOM   520 N NH2 . ARG A 1 63 ? -7.376  -13.597 3.968   1.00 31.62 ? 63  ARG A NH2 1 
ATOM   521 N N   . ARG A 1 64 ? -7.417  -5.015  6.542   1.00 19.68 ? 64  ARG A N   1 
ATOM   522 C CA  . ARG A 1 64 ? -7.565  -4.005  7.574   1.00 21.15 ? 64  ARG A CA  1 
ATOM   523 C C   . ARG A 1 64 ? -7.814  -2.650  6.934   1.00 21.35 ? 64  ARG A C   1 
ATOM   524 O O   . ARG A 1 64 ? -8.762  -1.960  7.305   1.00 25.82 ? 64  ARG A O   1 
ATOM   525 C CB  . ARG A 1 64 ? -6.294  -3.969  8.428   1.00 22.26 ? 64  ARG A CB  1 
ATOM   526 C CG  . ARG A 1 64 ? -6.507  -3.605  9.875   1.00 30.82 ? 64  ARG A CG  1 
ATOM   527 C CD  . ARG A 1 64 ? -5.465  -4.284  10.765  1.00 39.63 ? 64  ARG A CD  1 
ATOM   528 N NE  . ARG A 1 64 ? -4.089  -3.924  10.421  1.00 45.61 ? 64  ARG A NE  1 
ATOM   529 C CZ  . ARG A 1 64 ? -3.099  -4.800  10.254  1.00 44.99 ? 64  ARG A CZ  1 
ATOM   530 N NH1 . ARG A 1 64 ? -3.318  -6.107  10.393  1.00 46.88 ? 64  ARG A NH1 1 
ATOM   531 N NH2 . ARG A 1 64 ? -1.881  -4.365  9.962   1.00 48.37 ? 64  ARG A NH2 1 
ATOM   532 N N   . LEU A 1 65 ? -6.985  -2.276  5.960   1.00 17.57 ? 65  LEU A N   1 
ATOM   533 C CA  . LEU A 1 65 ? -7.146  -0.990  5.278   1.00 18.67 ? 65  LEU A CA  1 
ATOM   534 C C   . LEU A 1 65 ? -8.487  -0.896  4.536   1.00 19.84 ? 65  LEU A C   1 
ATOM   535 O O   . LEU A 1 65 ? -9.168  0.149   4.565   1.00 18.01 ? 65  LEU A O   1 
ATOM   536 C CB  . LEU A 1 65 ? -5.982  -0.736  4.315   1.00 17.94 ? 65  LEU A CB  1 
ATOM   537 C CG  . LEU A 1 65 ? -4.658  -0.351  4.980   1.00 17.47 ? 65  LEU A CG  1 
ATOM   538 C CD1 . LEU A 1 65 ? -3.549  -0.173  3.943   1.00 12.09 ? 65  LEU A CD1 1 
ATOM   539 C CD2 . LEU A 1 65 ? -4.852  0.933   5.783   1.00 15.98 ? 65  LEU A CD2 1 
ATOM   540 N N   . LEU A 1 66 ? -8.858  -2.002  3.893   1.00 19.66 ? 66  LEU A N   1 
ATOM   541 C CA  . LEU A 1 66 ? -10.108 -2.110  3.149   1.00 19.80 ? 66  LEU A CA  1 
ATOM   542 C C   . LEU A 1 66 ? -11.303 -1.984  4.088   1.00 18.30 ? 66  LEU A C   1 
ATOM   543 O O   . LEU A 1 66 ? -12.288 -1.328  3.759   1.00 19.01 ? 66  LEU A O   1 
ATOM   544 C CB  . LEU A 1 66 ? -10.168 -3.458  2.437   1.00 16.41 ? 66  LEU A CB  1 
ATOM   545 C CG  . LEU A 1 66 ? -9.338  -3.590  1.170   1.00 18.06 ? 66  LEU A CG  1 
ATOM   546 C CD1 . LEU A 1 66 ? -9.254  -5.050  0.748   1.00 18.95 ? 66  LEU A CD1 1 
ATOM   547 C CD2 . LEU A 1 66 ? -9.973  -2.736  0.082   1.00 20.86 ? 66  LEU A CD2 1 
ATOM   548 N N   . ALA A 1 67 ? -11.199 -2.623  5.253   1.00 19.39 ? 67  ALA A N   1 
ATOM   549 C CA  . ALA A 1 67 ? -12.256 -2.601  6.256   1.00 20.75 ? 67  ALA A CA  1 
ATOM   550 C C   . ALA A 1 67 ? -12.407 -1.190  6.766   1.00 21.92 ? 67  ALA A C   1 
ATOM   551 O O   . ALA A 1 67 ? -13.514 -0.752  7.072   1.00 25.89 ? 67  ALA A O   1 
ATOM   552 C CB  . ALA A 1 67 ? -11.929 -3.539  7.401   1.00 16.26 ? 67  ALA A CB  1 
ATOM   553 N N   . TYR A 1 68 ? -11.288 -0.478  6.842   1.00 23.16 ? 68  TYR A N   1 
ATOM   554 C CA  . TYR A 1 68 ? -11.297 0.901   7.288   1.00 18.99 ? 68  TYR A CA  1 
ATOM   555 C C   . TYR A 1 68 ? -12.069 1.780   6.294   1.00 20.96 ? 68  TYR A C   1 
ATOM   556 O O   . TYR A 1 68 ? -13.000 2.502   6.691   1.00 22.00 ? 68  TYR A O   1 
ATOM   557 C CB  . TYR A 1 68 ? -9.857  1.404   7.466   1.00 20.23 ? 68  TYR A CB  1 
ATOM   558 C CG  . TYR A 1 68 ? -9.749  2.904   7.661   1.00 14.29 ? 68  TYR A CG  1 
ATOM   559 C CD1 . TYR A 1 68 ? -9.970  3.492   8.906   1.00 18.00 ? 68  TYR A CD1 1 
ATOM   560 C CD2 . TYR A 1 68 ? -9.464  3.739   6.580   1.00 18.59 ? 68  TYR A CD2 1 
ATOM   561 C CE1 . TYR A 1 68 ? -9.910  4.881   9.061   1.00 17.12 ? 68  TYR A CE1 1 
ATOM   562 C CE2 . TYR A 1 68 ? -9.410  5.112   6.723   1.00 21.30 ? 68  TYR A CE2 1 
ATOM   563 C CZ  . TYR A 1 68 ? -9.633  5.674   7.959   1.00 18.95 ? 68  TYR A CZ  1 
ATOM   564 O OH  . TYR A 1 68 ? -9.597  7.035   8.065   1.00 24.69 ? 68  TYR A OH  1 
ATOM   565 N N   . LEU A 1 69 ? -11.713 1.675   5.010   1.00 15.64 ? 69  LEU A N   1 
ATOM   566 C CA  . LEU A 1 69 ? -12.349 2.459   3.949   1.00 14.26 ? 69  LEU A CA  1 
ATOM   567 C C   . LEU A 1 69 ? -13.832 2.143   3.804   1.00 15.16 ? 69  LEU A C   1 
ATOM   568 O O   . LEU A 1 69 ? -14.638 3.040   3.553   1.00 19.45 ? 69  LEU A O   1 
ATOM   569 C CB  . LEU A 1 69 ? -11.670 2.208   2.601   1.00 10.94 ? 69  LEU A CB  1 
ATOM   570 C CG  . LEU A 1 69 ? -11.191 3.377   1.728   1.00 17.14 ? 69  LEU A CG  1 
ATOM   571 C CD1 . LEU A 1 69 ? -11.237 2.939   0.285   1.00 11.24 ? 69  LEU A CD1 1 
ATOM   572 C CD2 . LEU A 1 69 ? -12.016 4.668   1.923   1.00 18.15 ? 69  LEU A CD2 1 
ATOM   573 N N   . ARG A 1 70 ? -14.183 0.863   3.936   1.00 20.22 ? 70  ARG A N   1 
ATOM   574 C CA  . ARG A 1 70 ? -15.574 0.409   3.830   1.00 24.85 ? 70  ARG A CA  1 
ATOM   575 C C   . ARG A 1 70 ? -16.464 1.131   4.854   1.00 26.56 ? 70  ARG A C   1 
ATOM   576 O O   . ARG A 1 70 ? -17.561 1.605   4.537   1.00 25.51 ? 70  ARG A O   1 
ATOM   577 C CB  . ARG A 1 70 ? -15.634 -1.113  4.052   1.00 21.26 ? 70  ARG A CB  1 
ATOM   578 C CG  . ARG A 1 70 ? -17.044 -1.703  4.164   1.00 26.51 ? 70  ARG A CG  1 
ATOM   579 C CD  . ARG A 1 70 ? -17.023 -3.113  4.777   1.00 32.75 ? 70  ARG A CD  1 
ATOM   580 N NE  . ARG A 1 70 ? -18.369 -3.564  5.143   1.00 37.81 ? 70  ARG A NE  1 
ATOM   581 C CZ  . ARG A 1 70 ? -18.927 -3.400  6.344   1.00 40.20 ? 70  ARG A CZ  1 
ATOM   582 N NH1 . ARG A 1 70 ? -18.263 -2.805  7.323   1.00 28.78 ? 70  ARG A NH1 1 
ATOM   583 N NH2 . ARG A 1 70 ? -20.187 -3.768  6.549   1.00 35.32 ? 70  ARG A NH2 1 
ATOM   584 N N   . ASN A 1 71 ? -15.966 1.238   6.078   1.00 27.08 ? 71  ASN A N   1 
ATOM   585 C CA  . ASN A 1 71 ? -16.706 1.886   7.141   1.00 31.70 ? 71  ASN A CA  1 
ATOM   586 C C   . ASN A 1 71 ? -16.726 3.393   7.017   1.00 31.73 ? 71  ASN A C   1 
ATOM   587 O O   . ASN A 1 71 ? -17.737 4.032   7.309   1.00 31.77 ? 71  ASN A O   1 
ATOM   588 C CB  . ASN A 1 71 ? -16.135 1.491   8.494   1.00 38.11 ? 71  ASN A CB  1 
ATOM   589 C CG  . ASN A 1 71 ? -17.104 0.689   9.299   1.00 43.02 ? 71  ASN A CG  1 
ATOM   590 O OD1 . ASN A 1 71 ? -17.694 1.185   10.255  1.00 48.57 ? 71  ASN A OD1 1 
ATOM   591 N ND2 . ASN A 1 71 ? -17.318 -0.550  8.892   1.00 44.80 ? 71  ASN A ND2 1 
ATOM   592 N N   . LYS A 1 72 ? -15.611 3.962   6.581   1.00 30.56 ? 72  LYS A N   1 
ATOM   593 C CA  . LYS A 1 72 ? -15.520 5.411   6.445   1.00 30.21 ? 72  LYS A CA  1 
ATOM   594 C C   . LYS A 1 72 ? -16.334 5.974   5.286   1.00 30.18 ? 72  LYS A C   1 
ATOM   595 O O   . LYS A 1 72 ? -17.024 6.984   5.441   1.00 27.91 ? 72  LYS A O   1 
ATOM   596 C CB  . LYS A 1 72 ? -14.061 5.864   6.312   1.00 31.19 ? 72  LYS A CB  1 
ATOM   597 C CG  . LYS A 1 72 ? -13.916 7.376   6.233   1.00 32.43 ? 72  LYS A CG  1 
ATOM   598 C CD  . LYS A 1 72 ? -12.466 7.823   6.223   1.00 38.99 ? 72  LYS A CD  1 
ATOM   599 C CE  . LYS A 1 72 ? -12.364 9.342   6.141   1.00 34.80 ? 72  LYS A CE  1 
ATOM   600 N NZ  . LYS A 1 72 ? -13.203 10.012  7.175   1.00 42.95 ? 72  LYS A NZ  1 
ATOM   601 N N   . ASP A 1 73 ? -16.256 5.320   4.132   1.00 28.40 ? 73  ASP A N   1 
ATOM   602 C CA  . ASP A 1 73 ? -16.953 5.799   2.950   1.00 24.03 ? 73  ASP A CA  1 
ATOM   603 C C   . ASP A 1 73 ? -17.128 4.645   1.972   1.00 21.77 ? 73  ASP A C   1 
ATOM   604 O O   . ASP A 1 73 ? -16.173 4.230   1.313   1.00 21.39 ? 73  ASP A O   1 
ATOM   605 C CB  . ASP A 1 73 ? -16.133 6.932   2.321   1.00 22.31 ? 73  ASP A CB  1 
ATOM   606 C CG  . ASP A 1 73 ? -16.912 7.725   1.299   1.00 24.37 ? 73  ASP A CG  1 
ATOM   607 O OD1 . ASP A 1 73 ? -17.346 7.140   0.295   1.00 30.37 ? 73  ASP A OD1 1 
ATOM   608 O OD2 . ASP A 1 73 ? -17.080 8.945   1.484   1.00 32.54 ? 73  ASP A OD2 1 
ATOM   609 N N   . VAL A 1 74 ? -18.356 4.138   1.878   1.00 23.80 ? 74  VAL A N   1 
ATOM   610 C CA  . VAL A 1 74 ? -18.684 3.005   0.998   1.00 25.95 ? 74  VAL A CA  1 
ATOM   611 C C   . VAL A 1 74 ? -18.469 3.284   -0.494  1.00 21.22 ? 74  VAL A C   1 
ATOM   612 O O   . VAL A 1 74 ? -18.131 2.378   -1.262  1.00 17.14 ? 74  VAL A O   1 
ATOM   613 C CB  . VAL A 1 74 ? -20.135 2.506   1.248   1.00 28.06 ? 74  VAL A CB  1 
ATOM   614 C CG1 . VAL A 1 74 ? -21.145 3.592   0.884   1.00 34.47 ? 74  VAL A CG1 1 
ATOM   615 C CG2 . VAL A 1 74 ? -20.397 1.213   0.484   1.00 25.12 ? 74  VAL A CG2 1 
ATOM   616 N N   . ALA A 1 75 ? -18.654 4.539   -0.895  1.00 20.90 ? 75  ALA A N   1 
ATOM   617 C CA  . ALA A 1 75 ? -18.461 4.948   -2.285  1.00 21.67 ? 75  ALA A CA  1 
ATOM   618 C C   . ALA A 1 75 ? -16.990 4.775   -2.662  1.00 17.93 ? 75  ALA A C   1 
ATOM   619 O O   . ALA A 1 75 ? -16.656 4.110   -3.646  1.00 19.03 ? 75  ALA A O   1 
ATOM   620 C CB  . ALA A 1 75 ? -18.887 6.402   -2.461  1.00 27.45 ? 75  ALA A CB  1 
ATOM   621 N N   . ARG A 1 76 ? -16.118 5.381   -1.861  1.00 18.62 ? 76  ARG A N   1 
ATOM   622 C CA  . ARG A 1 76 ? -14.675 5.295   -2.068  1.00 15.53 ? 76  ARG A CA  1 
ATOM   623 C C   . ARG A 1 76 ? -14.186 3.857   -1.922  1.00 19.44 ? 76  ARG A C   1 
ATOM   624 O O   . ARG A 1 76 ? -13.271 3.441   -2.631  1.00 17.83 ? 76  ARG A O   1 
ATOM   625 C CB  . ARG A 1 76 ? -13.946 6.209   -1.086  1.00 16.86 ? 76  ARG A CB  1 
ATOM   626 C CG  . ARG A 1 76 ? -14.130 7.695   -1.365  1.00 19.17 ? 76  ARG A CG  1 
ATOM   627 C CD  . ARG A 1 76 ? -13.529 8.543   -0.245  1.00 29.62 ? 76  ARG A CD  1 
ATOM   628 N NE  . ARG A 1 76 ? -12.102 8.276   -0.070  1.00 31.68 ? 76  ARG A NE  1 
ATOM   629 C CZ  . ARG A 1 76 ? -11.374 8.657   0.977   1.00 32.23 ? 76  ARG A CZ  1 
ATOM   630 N NH1 . ARG A 1 76 ? -11.922 9.338   1.980   1.00 23.34 ? 76  ARG A NH1 1 
ATOM   631 N NH2 . ARG A 1 76 ? -10.083 8.356   1.012   1.00 31.62 ? 76  ARG A NH2 1 
ATOM   632 N N   . TYR A 1 77 ? -14.824 3.095   -1.031  1.00 18.40 ? 77  TYR A N   1 
ATOM   633 C CA  . TYR A 1 77 ? -14.469 1.698   -0.809  1.00 21.31 ? 77  TYR A CA  1 
ATOM   634 C C   . TYR A 1 77 ? -14.695 0.819   -2.043  1.00 21.80 ? 77  TYR A C   1 
ATOM   635 O O   . TYR A 1 77 ? -13.815 0.052   -2.436  1.00 19.23 ? 77  TYR A O   1 
ATOM   636 C CB  . TYR A 1 77 ? -15.262 1.131   0.370   1.00 25.01 ? 77  TYR A CB  1 
ATOM   637 C CG  . TYR A 1 77 ? -15.203 -0.385  0.481   1.00 24.18 ? 77  TYR A CG  1 
ATOM   638 C CD1 . TYR A 1 77 ? -14.002 -1.037  0.745   1.00 20.83 ? 77  TYR A CD1 1 
ATOM   639 C CD2 . TYR A 1 77 ? -16.358 -1.165  0.339   1.00 16.86 ? 77  TYR A CD2 1 
ATOM   640 C CE1 . TYR A 1 77 ? -13.947 -2.420  0.871   1.00 23.02 ? 77  TYR A CE1 1 
ATOM   641 C CE2 . TYR A 1 77 ? -16.314 -2.550  0.465   1.00 19.13 ? 77  TYR A CE2 1 
ATOM   642 C CZ  . TYR A 1 77 ? -15.101 -3.174  0.732   1.00 25.19 ? 77  TYR A CZ  1 
ATOM   643 O OH  . TYR A 1 77 ? -15.033 -4.550  0.847   1.00 25.23 ? 77  TYR A OH  1 
ATOM   644 N N   . ARG A 1 78 ? -15.896 0.911   -2.620  1.00 27.87 ? 78  ARG A N   1 
ATOM   645 C CA  . ARG A 1 78 ? -16.264 0.125   -3.799  1.00 27.43 ? 78  ARG A CA  1 
ATOM   646 C C   . ARG A 1 78 ? -15.604 0.607   -5.091  1.00 21.44 ? 78  ARG A C   1 
ATOM   647 O O   . ARG A 1 78 ? -15.344 -0.188  -5.997  1.00 25.86 ? 78  ARG A O   1 
ATOM   648 C CB  . ARG A 1 78 ? -17.784 0.046   -3.940  1.00 28.23 ? 78  ARG A CB  1 
ATOM   649 C CG  . ARG A 1 78 ? -18.437 -0.774  -2.834  1.00 34.48 ? 78  ARG A CG  1 
ATOM   650 C CD  . ARG A 1 78 ? -19.831 -1.229  -3.222  1.00 45.38 ? 78  ARG A CD  1 
ATOM   651 N NE  . ARG A 1 78 ? -20.524 -1.920  -2.138  1.00 56.83 ? 78  ARG A NE  1 
ATOM   652 C CZ  . ARG A 1 78 ? -21.757 -1.630  -1.725  1.00 59.68 ? 78  ARG A CZ  1 
ATOM   653 N NH1 . ARG A 1 78 ? -22.458 -0.656  -2.300  1.00 63.31 ? 78  ARG A NH1 1 
ATOM   654 N NH2 . ARG A 1 78 ? -22.286 -2.304  -0.713  1.00 61.88 ? 78  ARG A NH2 1 
ATOM   655 N N   . GLU A 1 79 ? -15.303 1.900   -5.159  1.00 18.47 ? 79  GLU A N   1 
ATOM   656 C CA  . GLU A 1 79 ? -14.623 2.463   -6.318  1.00 17.69 ? 79  GLU A CA  1 
ATOM   657 C C   . GLU A 1 79 ? -13.213 1.884   -6.421  1.00 18.47 ? 79  GLU A C   1 
ATOM   658 O O   . GLU A 1 79 ? -12.799 1.497   -7.496  1.00 22.06 ? 79  GLU A O   1 
ATOM   659 C CB  . GLU A 1 79 ? -14.528 3.983   -6.209  1.00 23.47 ? 79  GLU A CB  1 
ATOM   660 C CG  . GLU A 1 79 ? -15.842 4.732   -6.412  1.00 35.06 ? 79  GLU A CG  1 
ATOM   661 C CD  . GLU A 1 79 ? -16.332 4.724   -7.858  1.00 41.98 ? 79  GLU A CD  1 
ATOM   662 O OE1 . GLU A 1 79 ? -15.487 4.754   -8.785  1.00 46.95 ? 79  GLU A OE1 1 
ATOM   663 O OE2 . GLU A 1 79 ? -17.569 4.715   -8.060  1.00 46.26 ? 79  GLU A OE2 1 
ATOM   664 N N   . ILE A 1 80 ? -12.493 1.801   -5.297  1.00 19.90 ? 80  ILE A N   1 
ATOM   665 C CA  . ILE A 1 80 ? -11.128 1.262   -5.288  1.00 18.33 ? 80  ILE A CA  1 
ATOM   666 C C   . ILE A 1 80 ? -11.071 -0.264  -5.469  1.00 20.14 ? 80  ILE A C   1 
ATOM   667 O O   . ILE A 1 80 ? -10.157 -0.794  -6.111  1.00 18.79 ? 80  ILE A O   1 
ATOM   668 C CB  . ILE A 1 80 ? -10.337 1.675   -4.010  1.00 21.83 ? 80  ILE A CB  1 
ATOM   669 C CG1 . ILE A 1 80 ? -8.849  1.365   -4.185  1.00 19.01 ? 80  ILE A CG1 1 
ATOM   670 C CG2 . ILE A 1 80 ? -10.852 0.945   -2.776  1.00 18.49 ? 80  ILE A CG2 1 
ATOM   671 C CD1 . ILE A 1 80 ? -8.205  2.118   -5.301  1.00 16.65 ? 80  ILE A CD1 1 
ATOM   672 N N   . VAL A 1 81 ? -12.049 -0.961  -4.903  1.00 23.20 ? 81  VAL A N   1 
ATOM   673 C CA  . VAL A 1 81 ? -12.131 -2.412  -5.012  1.00 23.86 ? 81  VAL A CA  1 
ATOM   674 C C   . VAL A 1 81 ? -12.394 -2.777  -6.464  1.00 26.40 ? 81  VAL A C   1 
ATOM   675 O O   . VAL A 1 81 ? -11.876 -3.779  -6.979  1.00 19.60 ? 81  VAL A O   1 
ATOM   676 C CB  . VAL A 1 81 ? -13.263 -2.974  -4.121  1.00 22.05 ? 81  VAL A CB  1 
ATOM   677 C CG1 . VAL A 1 81 ? -13.673 -4.366  -4.586  1.00 25.81 ? 81  VAL A CG1 1 
ATOM   678 C CG2 . VAL A 1 81 ? -12.796 -3.021  -2.666  1.00 21.36 ? 81  VAL A CG2 1 
ATOM   679 N N   . GLU A 1 82 ? -13.179 -1.931  -7.122  1.00 24.79 ? 82  GLU A N   1 
ATOM   680 C CA  . GLU A 1 82 ? -13.525 -2.125  -8.522  1.00 31.18 ? 82  GLU A CA  1 
ATOM   681 C C   . GLU A 1 82 ? -12.331 -1.863  -9.429  1.00 30.27 ? 82  GLU A C   1 
ATOM   682 O O   . GLU A 1 82 ? -12.072 -2.627  -10.355 1.00 33.62 ? 82  GLU A O   1 
ATOM   683 C CB  . GLU A 1 82 ? -14.683 -1.205  -8.906  1.00 33.51 ? 82  GLU A CB  1 
ATOM   684 C CG  . GLU A 1 82 ? -15.286 -1.493  -10.267 1.00 45.97 ? 82  GLU A CG  1 
ATOM   685 C CD  . GLU A 1 82 ? -16.450 -0.571  -10.607 1.00 54.49 ? 82  GLU A CD  1 
ATOM   686 O OE1 . GLU A 1 82 ? -16.975 0.127   -9.700  1.00 53.47 ? 82  GLU A OE1 1 
ATOM   687 O OE2 . GLU A 1 82 ? -16.838 -0.542  -11.796 1.00 58.89 ? 82  GLU A OE2 1 
ATOM   688 N N   . LYS A 1 83 ? -11.590 -0.800  -9.138  1.00 26.89 ? 83  LYS A N   1 
ATOM   689 C CA  . LYS A 1 83 ? -10.430 -0.425  -9.940  1.00 28.71 ? 83  LYS A CA  1 
ATOM   690 C C   . LYS A 1 83 ? -9.249  -1.386  -9.834  1.00 29.17 ? 83  LYS A C   1 
ATOM   691 O O   . LYS A 1 83 ? -8.483  -1.539  -10.791 1.00 34.70 ? 83  LYS A O   1 
ATOM   692 C CB  . LYS A 1 83 ? -9.981  0.996   -9.593  1.00 30.75 ? 83  LYS A CB  1 
ATOM   693 C CG  . LYS A 1 83 ? -10.969 2.062   -10.024 1.00 34.71 ? 83  LYS A CG  1 
ATOM   694 C CD  . LYS A 1 83 ? -10.557 3.437   -9.528  1.00 41.16 ? 83  LYS A CD  1 
ATOM   695 C CE  . LYS A 1 83 ? -11.629 4.468   -9.842  1.00 43.86 ? 83  LYS A CE  1 
ATOM   696 N NZ  . LYS A 1 83 ? -11.357 5.783   -9.193  1.00 48.59 ? 83  LYS A NZ  1 
ATOM   697 N N   . LEU A 1 84 ? -9.096  -2.025  -8.676  1.00 25.50 ? 84  LEU A N   1 
ATOM   698 C CA  . LEU A 1 84 ? -7.997  -2.959  -8.471  1.00 25.97 ? 84  LEU A CA  1 
ATOM   699 C C   . LEU A 1 84 ? -8.376  -4.400  -8.841  1.00 30.46 ? 84  LEU A C   1 
ATOM   700 O O   . LEU A 1 84 ? -7.516  -5.285  -8.899  1.00 34.15 ? 84  LEU A O   1 
ATOM   701 C CB  . LEU A 1 84 ? -7.466  -2.852  -7.031  1.00 22.44 ? 84  LEU A CB  1 
ATOM   702 C CG  . LEU A 1 84 ? -6.807  -1.518  -6.621  1.00 26.47 ? 84  LEU A CG  1 
ATOM   703 C CD1 . LEU A 1 84 ? -6.341  -1.550  -5.191  1.00 23.06 ? 84  LEU A CD1 1 
ATOM   704 C CD2 . LEU A 1 84 ? -5.621  -1.215  -7.507  1.00 23.01 ? 84  LEU A CD2 1 
ATOM   705 N N   . GLY A 1 85 ? -9.658  -4.612  -9.140  1.00 30.94 ? 85  GLY A N   1 
ATOM   706 C CA  . GLY A 1 85 ? -10.146 -5.931  -9.519  1.00 29.63 ? 85  GLY A CA  1 
ATOM   707 C C   . GLY A 1 85 ? -10.149 -6.933  -8.377  1.00 34.24 ? 85  GLY A C   1 
ATOM   708 O O   . GLY A 1 85 ? -9.893  -8.124  -8.573  1.00 34.51 ? 85  GLY A O   1 
ATOM   709 N N   . LEU A 1 86 ? -10.475 -6.447  -7.185  1.00 34.97 ? 86  LEU A N   1 
ATOM   710 C CA  . LEU A 1 86 ? -10.510 -7.277  -5.985  1.00 38.81 ? 86  LEU A CA  1 
ATOM   711 C C   . LEU A 1 86 ? -11.788 -8.102  -5.877  1.00 42.54 ? 86  LEU A C   1 
ATOM   712 O O   . LEU A 1 86 ? -11.688 -9.351  -5.961  1.00 48.05 ? 86  LEU A O   1 
ATOM   713 C CB  . LEU A 1 86 ? -10.327 -6.398  -4.742  1.00 36.33 ? 86  LEU A CB  1 
ATOM   714 C CG  . LEU A 1 86 ? -8.982  -5.678  -4.728  1.00 34.22 ? 86  LEU A CG  1 
ATOM   715 C CD1 . LEU A 1 86 ? -8.960  -4.545  -3.721  1.00 37.88 ? 86  LEU A CD1 1 
ATOM   716 C CD2 . LEU A 1 86 ? -7.901  -6.698  -4.443  1.00 37.86 ? 86  LEU A CD2 1 
HETATM 717 O O   . HOH B 2 .  ? -6.554  -8.359  1.446   1.00 22.78 ? 89  HOH A O   1 
HETATM 718 O O   . HOH B 2 .  ? 11.086  -11.657 -4.952  1.00 67.49 ? 90  HOH A O   1 
HETATM 719 O O   . HOH B 2 .  ? -4.563  -8.968  -5.266  1.00 25.67 ? 91  HOH A O   1 
HETATM 720 O O   . HOH B 2 .  ? 20.642  31.806  7.769   1.00 68.18 ? 92  HOH A O   1 
HETATM 721 O O   . HOH B 2 .  ? 9.848   34.069  9.129   1.00 41.56 ? 93  HOH A O   1 
HETATM 722 O O   . HOH B 2 .  ? -12.257 10.365  -9.718  1.00 59.97 ? 94  HOH A O   1 
HETATM 723 O O   . HOH B 2 .  ? -8.679  10.091  3.009   1.00 33.90 ? 95  HOH A O   1 
HETATM 724 O O   . HOH B 2 .  ? -6.080  -7.474  -8.258  1.00 33.49 ? 96  HOH A O   1 
HETATM 725 O O   . HOH B 2 .  ? 14.994  -4.360  7.459   1.00 75.13 ? 97  HOH A O   1 
HETATM 726 O O   . HOH B 2 .  ? 10.933  -12.691 -2.229  1.00 57.71 ? 98  HOH A O   1 
HETATM 727 O O   . HOH B 2 .  ? -2.454  -19.304 3.207   1.00 30.48 ? 99  HOH A O   1 
HETATM 728 O O   . HOH B 2 .  ? -23.214 -3.610  5.747   1.00 56.11 ? 100 HOH A O   1 
HETATM 729 O O   . HOH B 2 .  ? -3.142  -14.274 -1.609  1.00 27.44 ? 101 HOH A O   1 
HETATM 730 O O   . HOH B 2 .  ? 8.641   -13.254 4.736   1.00 88.96 ? 102 HOH A O   1 
HETATM 731 O O   . HOH B 2 .  ? 11.715  -31.819 -20.747 1.00 75.62 ? 103 HOH A O   1 
HETATM 732 O O   . HOH B 2 .  ? 0.903   -16.013 -15.261 1.00 38.27 ? 104 HOH A O   1 
HETATM 733 O O   . HOH B 2 .  ? 9.247   -19.666 -15.772 1.00 32.42 ? 105 HOH A O   1 
HETATM 734 O O   . HOH B 2 .  ? -13.464 -0.061  10.369  1.00 35.97 ? 106 HOH A O   1 
HETATM 735 O O   . HOH B 2 .  ? -7.820  -14.659 1.656   1.00 45.77 ? 107 HOH A O   1 
HETATM 736 O O   . HOH B 2 .  ? -12.872 15.820  8.649   1.00 81.37 ? 108 HOH A O   1 
HETATM 737 O O   . HOH B 2 .  ? 8.488   25.784  10.770  1.00 49.74 ? 109 HOH A O   1 
HETATM 738 O O   . HOH B 2 .  ? 8.868   -10.288 -1.340  1.00 49.66 ? 110 HOH A O   1 
HETATM 739 O O   . HOH B 2 .  ? 14.685  -14.222 3.383   1.00 33.80 ? 111 HOH A O   1 
HETATM 740 O O   . HOH B 2 .  ? -10.651 -14.625 -5.493  1.00 41.01 ? 112 HOH A O   1 
HETATM 741 O O   . HOH B 2 .  ? -11.573 -6.164  17.843  1.00 71.53 ? 113 HOH A O   1 
HETATM 742 O O   . HOH B 2 .  ? 3.281   -2.733  4.293   1.00 28.56 ? 114 HOH A O   1 
HETATM 743 O O   . HOH B 2 .  ? 12.752  20.415  11.033  1.00 48.25 ? 115 HOH A O   1 
HETATM 744 O O   . HOH B 2 .  ? 15.296  15.060  1.456   1.00 61.35 ? 116 HOH A O   1 
HETATM 745 O O   . HOH B 2 .  ? -14.778 -10.054 -8.091  1.00 59.40 ? 117 HOH A O   1 
HETATM 746 O O   . HOH B 2 .  ? 18.570  15.841  4.490   1.00 66.33 ? 118 HOH A O   1 
HETATM 747 O O   . HOH B 2 .  ? 11.390  12.903  4.437   1.00 56.15 ? 119 HOH A O   1 
HETATM 748 O O   . HOH B 2 .  ? 9.784   7.087   4.112   1.00 77.45 ? 120 HOH A O   1 
HETATM 749 O O   . HOH B 2 .  ? 3.295   -17.901 -15.124 1.00 49.83 ? 121 HOH A O   1 
HETATM 750 O O   . HOH B 2 .  ? 4.550   -15.461 -12.977 1.00 31.49 ? 122 HOH A O   1 
HETATM 751 O O   . HOH B 2 .  ? -17.376 -4.488  -22.941 1.00 46.55 ? 123 HOH A O   1 
HETATM 752 O O   . HOH B 2 .  ? 4.182   -21.404 -4.695  1.00 17.19 ? 124 HOH A O   1 
HETATM 753 O O   . HOH B 2 .  ? -1.384  -3.185  13.981  1.00 52.58 ? 125 HOH A O   1 
HETATM 754 O O   . HOH B 2 .  ? -11.538 16.253  1.354   1.00 64.91 ? 126 HOH A O   1 
HETATM 755 O O   . HOH B 2 .  ? -10.910 12.837  5.091   1.00 29.43 ? 127 HOH A O   1 
HETATM 756 O O   . HOH B 2 .  ? 3.703   10.545  -7.229  1.00 47.53 ? 128 HOH A O   1 
HETATM 757 O O   . HOH B 2 .  ? 4.892   -25.256 11.059  1.00 55.66 ? 129 HOH A O   1 
HETATM 758 O O   . HOH B 2 .  ? 1.696   -17.040 1.516   1.00 41.64 ? 130 HOH A O   1 
HETATM 759 O O   . HOH B 2 .  ? -14.155 -4.942  3.697   1.00 37.60 ? 131 HOH A O   1 
HETATM 760 O O   . HOH B 2 .  ? -11.859 5.591   -3.955  1.00 20.43 ? 132 HOH A O   1 
HETATM 761 O O   . HOH B 2 .  ? 19.514  -13.052 1.468   1.00 75.75 ? 133 HOH A O   1 
HETATM 762 O O   . HOH B 2 .  ? -14.746 10.906  3.586   1.00 42.78 ? 134 HOH A O   1 
HETATM 763 O O   . HOH B 2 .  ? -13.305 3.442   9.399   1.00 23.18 ? 135 HOH A O   1 
HETATM 764 O O   . HOH B 2 .  ? -4.600  -20.264 -0.512  1.00 29.62 ? 136 HOH A O   1 
HETATM 765 O O   . HOH B 2 .  ? 0.612   0.748   3.674   1.00 52.09 ? 137 HOH A O   1 
HETATM 766 O O   . HOH B 2 .  ? -11.859 -6.319  4.652   1.00 26.74 ? 138 HOH A O   1 
HETATM 767 O O   . HOH B 2 .  ? 9.320   -24.576 -8.594  1.00 42.01 ? 139 HOH A O   1 
HETATM 768 O O   . HOH B 2 .  ? -5.262  -8.000  13.318  1.00 40.49 ? 140 HOH A O   1 
HETATM 769 O O   . HOH B 2 .  ? -9.056  -9.669  -11.038 1.00 37.93 ? 141 HOH A O   1 
HETATM 770 O O   . HOH B 2 .  ? 14.431  10.503  -6.021  1.00 37.23 ? 142 HOH A O   1 
HETATM 771 O O   . HOH B 2 .  ? 13.629  -21.594 1.808   1.00 37.29 ? 143 HOH A O   1 
HETATM 772 O O   . HOH B 2 .  ? 3.371   -18.491 6.304   1.00 54.99 ? 144 HOH A O   1 
HETATM 773 O O   . HOH B 2 .  ? 7.005   20.469  -3.357  1.00 30.03 ? 145 HOH A O   1 
HETATM 774 O O   . HOH B 2 .  ? 6.035   23.802  11.354  1.00 26.21 ? 146 HOH A O   1 
HETATM 775 O O   . HOH B 2 .  ? 1.956   -18.871 -2.073  1.00 55.71 ? 147 HOH A O   1 
# 
